data_9FKO
#
_entry.id   9FKO
#
_cell.length_a   92.930
_cell.length_b   75.140
_cell.length_c   94.450
_cell.angle_alpha   90.000
_cell.angle_beta   109.870
_cell.angle_gamma   90.000
#
_symmetry.space_group_name_H-M   'P 1 21 1'
#
loop_
_entity.id
_entity.type
_entity.pdbx_description
1 polymer 'Baseplate protein'
2 polymer 'Unknown peptide'
3 water water
#
loop_
_entity_poly.entity_id
_entity_poly.type
_entity_poly.pdbx_seq_one_letter_code
_entity_poly.pdbx_strand_id
1 'polypeptide(L)'
;AIATYNSHVELAKYLVSKADSVYLTIGKSTPWSNETNPPQPDENATVLQEVIGYKKATKVTLVRPSKSPEDDNKNLISYG
NKSWVEVTPENAKAEGAKWVYLESSIVGDELPLGTYRQVGFVMDLVAKSGISKFNLVPSEVESTGTLLFFDNKQFQNRSE
QTTAKERFIVEVDP
;
A,B,C,D,E,F
2 'polypeptide(L)' (UNK)(UNK)(UNK)(UNK)(UNK)(UNK)(UNK) G
#
# COMPACT_ATOMS: atom_id res chain seq x y z
N ALA A 1 -4.61 36.50 11.20
CA ALA A 1 -5.05 35.41 12.06
C ALA A 1 -6.29 34.79 11.44
N ILE A 2 -6.48 33.50 11.65
CA ILE A 2 -7.67 32.80 11.21
C ILE A 2 -8.46 32.31 12.41
N ALA A 3 -9.76 32.18 12.23
CA ALA A 3 -10.62 31.44 13.15
C ALA A 3 -10.46 29.94 12.91
N THR A 4 -10.49 29.17 14.00
CA THR A 4 -10.46 27.73 13.89
C THR A 4 -11.82 27.10 13.56
N TYR A 5 -11.75 25.86 13.09
CA TYR A 5 -12.94 25.03 12.96
C TYR A 5 -13.73 25.02 14.26
N ASN A 6 -13.06 24.83 15.39
CA ASN A 6 -13.85 24.70 16.60
C ASN A 6 -14.39 26.03 17.11
N SER A 7 -13.83 27.16 16.68
CA SER A 7 -14.50 28.42 17.00
C SER A 7 -15.84 28.50 16.28
N HIS A 8 -15.94 27.94 15.09
CA HIS A 8 -17.21 27.92 14.38
C HIS A 8 -18.23 27.01 15.07
N VAL A 9 -17.74 25.90 15.63
CA VAL A 9 -18.57 25.03 16.47
C VAL A 9 -19.09 25.78 17.69
N GLU A 10 -18.20 26.49 18.40
CA GLU A 10 -18.64 27.14 19.62
C GLU A 10 -19.66 28.24 19.32
N LEU A 11 -19.48 28.95 18.20
CA LEU A 11 -20.43 30.00 17.82
C LEU A 11 -21.78 29.40 17.39
N ALA A 12 -21.77 28.27 16.68
CA ALA A 12 -23.02 27.55 16.43
C ALA A 12 -23.67 27.11 17.72
N LYS A 13 -22.88 26.63 18.69
CA LYS A 13 -23.47 26.25 19.98
C LYS A 13 -24.17 27.44 20.61
N TYR A 14 -23.55 28.62 20.51
CA TYR A 14 -24.16 29.82 21.08
C TYR A 14 -25.52 30.14 20.44
N LEU A 15 -25.61 30.11 19.11
CA LEU A 15 -26.86 30.39 18.43
C LEU A 15 -27.92 29.39 18.85
N VAL A 16 -27.53 28.12 18.98
CA VAL A 16 -28.51 27.10 19.35
C VAL A 16 -29.01 27.35 20.76
N SER A 17 -28.15 27.86 21.65
CA SER A 17 -28.53 28.19 23.01
C SER A 17 -29.56 29.31 23.08
N LYS A 18 -29.78 30.03 21.99
CA LYS A 18 -30.73 31.13 22.01
C LYS A 18 -32.09 30.68 21.49
N ALA A 19 -32.32 29.37 21.39
CA ALA A 19 -33.45 28.80 20.66
C ALA A 19 -34.79 29.36 21.10
N ASP A 20 -34.94 29.62 22.40
CA ASP A 20 -36.23 30.03 22.94
C ASP A 20 -36.65 31.42 22.53
N SER A 21 -35.76 32.21 21.92
CA SER A 21 -36.07 33.52 21.38
C SER A 21 -35.97 33.56 19.86
N VAL A 22 -35.88 32.41 19.20
CA VAL A 22 -35.71 32.34 17.76
C VAL A 22 -37.06 32.21 17.11
N TYR A 23 -37.32 33.05 16.10
CA TYR A 23 -38.54 33.03 15.33
C TYR A 23 -38.22 33.02 13.86
N LEU A 24 -38.97 32.23 13.10
CA LEU A 24 -39.07 32.38 11.65
C LEU A 24 -39.75 33.72 11.36
N THR A 25 -39.30 34.40 10.31
CA THR A 25 -40.01 35.56 9.79
C THR A 25 -40.17 35.38 8.29
N ILE A 26 -41.27 35.84 7.73
CA ILE A 26 -41.47 35.81 6.30
C ILE A 26 -41.88 37.19 5.83
N GLY A 27 -41.56 37.51 4.58
CA GLY A 27 -41.89 38.80 4.04
C GLY A 27 -41.85 38.77 2.52
N LYS A 28 -41.86 39.96 1.94
CA LYS A 28 -41.87 40.22 0.49
C LYS A 28 -43.07 39.55 -0.17
N SER A 29 -44.21 40.17 0.08
CA SER A 29 -45.53 39.71 -0.34
C SER A 29 -45.98 40.28 -1.69
N THR A 30 -45.15 41.10 -2.35
CA THR A 30 -45.35 41.47 -3.74
C THR A 30 -44.21 41.00 -4.63
N PRO A 31 -44.44 40.91 -5.94
CA PRO A 31 -43.43 40.32 -6.84
C PRO A 31 -42.08 41.02 -6.80
N TRP A 32 -41.03 40.20 -6.97
CA TRP A 32 -39.73 40.66 -7.44
C TRP A 32 -39.86 41.19 -8.87
N SER A 33 -38.87 41.99 -9.31
CA SER A 33 -38.87 42.45 -10.69
C SER A 33 -38.89 41.27 -11.66
N ASN A 34 -38.07 40.27 -11.40
CA ASN A 34 -38.04 39.02 -12.14
C ASN A 34 -38.35 37.91 -11.13
N GLU A 35 -39.58 37.38 -11.21
CA GLU A 35 -40.03 36.40 -10.23
C GLU A 35 -39.29 35.08 -10.31
N THR A 36 -38.52 34.82 -11.38
CA THR A 36 -37.70 33.61 -11.50
C THR A 36 -36.23 33.86 -11.18
N ASN A 37 -35.86 35.11 -10.89
CA ASN A 37 -34.48 35.49 -10.57
C ASN A 37 -34.46 36.52 -9.44
N PRO A 38 -34.67 36.09 -8.19
CA PRO A 38 -34.69 37.06 -7.09
C PRO A 38 -33.33 37.72 -6.91
N PRO A 39 -33.30 38.94 -6.38
CA PRO A 39 -32.02 39.60 -6.13
C PRO A 39 -31.21 38.87 -5.08
N GLN A 40 -29.90 39.02 -5.17
CA GLN A 40 -29.06 38.42 -4.14
C GLN A 40 -29.36 39.10 -2.80
N PRO A 41 -29.38 38.37 -1.71
CA PRO A 41 -29.65 39.01 -0.41
C PRO A 41 -28.51 39.89 0.06
N ASP A 42 -28.90 40.98 0.74
CA ASP A 42 -27.98 42.00 1.25
C ASP A 42 -27.74 41.71 2.73
N GLU A 43 -26.50 41.36 3.10
CA GLU A 43 -26.17 41.07 4.51
C GLU A 43 -26.40 42.27 5.43
N ASN A 44 -26.49 43.48 4.89
CA ASN A 44 -26.74 44.62 5.76
C ASN A 44 -28.21 44.79 6.09
N ALA A 45 -29.11 43.98 5.55
CA ALA A 45 -30.50 44.06 5.95
C ALA A 45 -30.64 43.71 7.43
N THR A 46 -31.59 44.37 8.06
CA THR A 46 -31.91 44.20 9.47
C THR A 46 -33.35 43.76 9.68
N VAL A 47 -34.16 43.73 8.62
CA VAL A 47 -35.55 43.27 8.68
C VAL A 47 -35.91 42.85 7.26
N LEU A 48 -36.89 41.96 7.10
CA LEU A 48 -37.36 41.57 5.76
C LEU A 48 -38.21 42.69 5.16
N GLN A 49 -38.23 42.77 3.84
CA GLN A 49 -39.14 43.70 3.17
C GLN A 49 -40.59 43.23 3.34
N GLU A 50 -41.51 44.19 3.50
CA GLU A 50 -42.94 43.93 3.58
C GLU A 50 -43.21 42.78 4.55
N VAL A 51 -42.56 42.87 5.72
CA VAL A 51 -42.63 41.84 6.76
C VAL A 51 -44.06 41.40 6.93
N ILE A 52 -44.30 40.10 6.88
CA ILE A 52 -45.62 39.54 7.12
C ILE A 52 -45.81 39.21 8.58
N GLY A 53 -44.83 38.52 9.18
CA GLY A 53 -44.94 38.16 10.57
C GLY A 53 -43.83 37.23 11.01
N TYR A 54 -44.04 36.68 12.21
CA TYR A 54 -43.04 35.93 12.94
C TYR A 54 -43.71 34.71 13.52
N LYS A 55 -42.97 33.59 13.58
CA LYS A 55 -43.51 32.37 14.18
C LYS A 55 -42.42 31.66 14.95
N LYS A 56 -42.68 31.35 16.21
CA LYS A 56 -41.63 30.77 17.02
C LYS A 56 -41.10 29.51 16.35
N ALA A 57 -39.79 29.36 16.38
CA ALA A 57 -39.11 28.21 15.80
C ALA A 57 -39.55 26.93 16.50
N THR A 58 -39.80 25.88 15.70
CA THR A 58 -40.21 24.61 16.28
C THR A 58 -39.04 23.66 16.43
N LYS A 59 -37.89 23.98 15.88
CA LYS A 59 -36.71 23.14 16.03
C LYS A 59 -35.48 23.99 15.77
N VAL A 60 -34.52 23.93 16.69
CA VAL A 60 -33.22 24.59 16.60
C VAL A 60 -32.22 23.60 17.17
N THR A 61 -31.31 23.11 16.33
CA THR A 61 -30.32 22.16 16.82
C THR A 61 -29.05 22.26 16.00
N LEU A 62 -27.93 21.85 16.61
CA LEU A 62 -26.73 21.54 15.84
C LEU A 62 -26.98 20.31 14.96
N VAL A 63 -26.33 20.28 13.80
CA VAL A 63 -26.35 19.13 12.92
C VAL A 63 -24.95 18.99 12.31
N ARG A 64 -24.73 17.86 11.61
CA ARG A 64 -23.54 17.61 10.82
C ARG A 64 -23.93 16.70 9.66
N PRO A 65 -23.10 16.62 8.60
CA PRO A 65 -23.44 15.68 7.52
C PRO A 65 -23.40 14.26 8.07
N SER A 66 -24.38 13.46 7.63
CA SER A 66 -24.43 12.06 8.04
C SER A 66 -23.46 11.24 7.20
N LYS A 67 -22.92 10.18 7.80
CA LYS A 67 -22.04 9.20 7.14
C LYS A 67 -22.54 7.80 7.48
N SER A 68 -22.44 6.86 6.50
CA SER A 68 -23.35 5.71 6.49
C SER A 68 -23.19 4.74 7.67
N PRO A 69 -22.04 4.10 7.88
CA PRO A 69 -21.99 3.12 8.98
C PRO A 69 -22.48 3.76 10.28
N GLU A 70 -21.86 4.86 10.73
CA GLU A 70 -22.30 5.49 11.97
C GLU A 70 -23.81 5.65 12.01
N ASP A 71 -24.36 6.42 11.06
CA ASP A 71 -25.59 7.16 11.27
C ASP A 71 -26.80 6.50 10.62
N ASP A 72 -26.63 5.31 10.04
CA ASP A 72 -27.76 4.64 9.40
C ASP A 72 -28.90 4.43 10.39
N ASN A 73 -28.60 4.37 11.69
CA ASN A 73 -29.65 4.21 12.71
C ASN A 73 -29.59 5.33 13.75
N LYS A 74 -29.50 6.57 13.26
CA LYS A 74 -29.69 7.78 14.06
C LYS A 74 -30.87 8.58 13.46
N ASN A 75 -31.22 9.67 14.12
CA ASN A 75 -32.34 10.50 13.68
C ASN A 75 -31.82 11.49 12.63
N LEU A 76 -32.21 11.25 11.37
CA LEU A 76 -31.63 11.95 10.23
C LEU A 76 -32.59 13.00 9.69
N ILE A 77 -32.00 14.01 9.04
CA ILE A 77 -32.71 15.12 8.42
C ILE A 77 -32.31 15.16 6.95
N SER A 78 -33.26 15.48 6.09
CA SER A 78 -33.01 15.63 4.66
C SER A 78 -33.08 17.12 4.30
N TYR A 79 -32.07 17.63 3.60
CA TYR A 79 -31.98 19.06 3.28
C TYR A 79 -30.87 19.28 2.25
N GLY A 80 -31.15 20.10 1.25
CA GLY A 80 -30.10 20.54 0.34
C GLY A 80 -29.35 19.44 -0.38
N ASN A 81 -30.07 18.42 -0.85
CA ASN A 81 -29.49 17.28 -1.56
C ASN A 81 -28.53 16.47 -0.69
N LYS A 82 -28.64 16.57 0.64
CA LYS A 82 -27.77 15.82 1.54
C LYS A 82 -28.57 15.33 2.74
N SER A 83 -27.97 14.43 3.50
CA SER A 83 -28.55 13.90 4.73
C SER A 83 -27.74 14.42 5.92
N TRP A 84 -28.44 14.76 6.99
CA TRP A 84 -27.83 15.42 8.15
C TRP A 84 -28.25 14.67 9.41
N VAL A 85 -27.42 14.73 10.44
CA VAL A 85 -27.80 14.15 11.72
C VAL A 85 -27.76 15.21 12.81
N GLU A 86 -28.73 15.15 13.71
CA GLU A 86 -28.76 16.04 14.85
C GLU A 86 -27.65 15.72 15.83
N VAL A 87 -27.10 16.76 16.46
CA VAL A 87 -26.02 16.66 17.43
C VAL A 87 -26.43 17.45 18.65
N THR A 88 -26.06 16.92 19.86
CA THR A 88 -26.41 17.67 21.07
C THR A 88 -25.27 18.60 21.49
N PRO A 89 -25.59 19.69 22.20
CA PRO A 89 -24.55 20.69 22.48
C PRO A 89 -23.32 20.17 23.20
N GLU A 90 -23.46 19.21 24.13
CA GLU A 90 -22.29 18.71 24.82
C GLU A 90 -21.40 17.84 23.94
N ASN A 91 -21.89 17.38 22.78
CA ASN A 91 -21.08 16.58 21.86
C ASN A 91 -20.61 17.37 20.64
N ALA A 92 -20.81 18.70 20.62
CA ALA A 92 -20.58 19.49 19.42
C ALA A 92 -19.14 19.35 18.92
N LYS A 93 -18.16 19.53 19.79
CA LYS A 93 -16.76 19.53 19.37
C LYS A 93 -16.31 18.14 18.94
N ALA A 94 -16.72 17.09 19.67
CA ALA A 94 -16.36 15.73 19.27
C ALA A 94 -16.96 15.35 17.92
N GLU A 95 -18.15 15.87 17.59
CA GLU A 95 -18.83 15.54 16.34
C GLU A 95 -18.53 16.51 15.20
N GLY A 96 -17.79 17.58 15.47
CA GLY A 96 -17.51 18.55 14.43
C GLY A 96 -18.71 19.37 14.00
N ALA A 97 -19.65 19.58 14.90
CA ALA A 97 -20.96 20.08 14.49
C ALA A 97 -20.93 21.60 14.51
N LYS A 98 -20.67 22.21 13.35
CA LYS A 98 -20.66 23.66 13.21
C LYS A 98 -21.85 24.18 12.41
N TRP A 99 -22.85 23.34 12.12
CA TRP A 99 -24.01 23.73 11.34
C TRP A 99 -25.21 23.84 12.26
N VAL A 100 -26.08 24.82 11.98
CA VAL A 100 -27.29 25.06 12.76
C VAL A 100 -28.51 24.79 11.89
N TYR A 101 -29.40 23.96 12.39
CA TYR A 101 -30.66 23.66 11.75
C TYR A 101 -31.75 24.46 12.45
N LEU A 102 -32.53 25.20 11.65
CA LEU A 102 -33.56 26.13 12.13
C LEU A 102 -34.84 25.82 11.38
N GLU A 103 -35.96 25.67 12.09
CA GLU A 103 -37.22 25.29 11.45
C GLU A 103 -38.43 25.92 12.13
N SER A 104 -39.44 26.28 11.34
CA SER A 104 -40.76 26.54 11.85
C SER A 104 -41.78 26.22 10.79
N SER A 105 -43.05 26.20 11.21
CA SER A 105 -44.16 26.04 10.30
C SER A 105 -45.23 27.06 10.64
N ILE A 106 -45.86 27.57 9.60
CA ILE A 106 -46.97 28.52 9.75
C ILE A 106 -48.21 27.81 9.26
N VAL A 107 -49.16 27.57 10.18
CA VAL A 107 -50.37 26.81 9.91
C VAL A 107 -51.48 27.75 9.47
N GLY A 108 -51.89 27.61 8.22
CA GLY A 108 -52.96 28.38 7.64
C GLY A 108 -52.88 29.84 8.03
N ASP A 109 -54.02 30.39 8.41
CA ASP A 109 -54.19 31.83 8.59
C ASP A 109 -53.63 32.37 9.91
N GLU A 110 -52.70 31.70 10.59
CA GLU A 110 -52.17 32.31 11.82
C GLU A 110 -51.19 33.47 11.55
N LEU A 111 -50.78 33.67 10.32
CA LEU A 111 -50.26 34.94 9.85
C LEU A 111 -51.09 35.29 8.62
N PRO A 112 -51.26 36.59 8.33
CA PRO A 112 -52.09 36.99 7.18
C PRO A 112 -51.65 36.29 5.91
N LEU A 113 -52.63 35.98 5.08
CA LEU A 113 -52.45 35.13 3.92
C LEU A 113 -51.96 35.95 2.74
N GLY A 114 -51.37 35.24 1.80
CA GLY A 114 -50.82 35.78 0.59
C GLY A 114 -49.55 35.06 0.25
N THR A 115 -48.77 35.65 -0.64
CA THR A 115 -47.52 35.05 -1.03
C THR A 115 -46.36 35.62 -0.22
N TYR A 116 -45.25 34.87 -0.21
CA TYR A 116 -44.01 35.35 0.40
C TYR A 116 -42.78 34.87 -0.38
N ARG A 117 -41.71 35.68 -0.31
CA ARG A 117 -40.48 35.45 -1.07
C ARG A 117 -39.21 35.60 -0.23
N GLN A 118 -39.31 36.07 1.00
CA GLN A 118 -38.17 36.14 1.86
C GLN A 118 -38.51 35.34 3.10
N VAL A 119 -37.50 34.66 3.59
CA VAL A 119 -37.56 33.76 4.74
C VAL A 119 -36.36 34.10 5.58
N GLY A 120 -36.56 34.20 6.90
CA GLY A 120 -35.42 34.45 7.75
C GLY A 120 -35.66 34.00 9.16
N PHE A 121 -34.61 34.04 9.96
CA PHE A 121 -34.72 33.76 11.39
C PHE A 121 -34.10 34.88 12.17
N VAL A 122 -34.81 35.29 13.24
CA VAL A 122 -34.36 36.30 14.18
C VAL A 122 -34.10 35.61 15.51
N MET A 123 -33.25 36.24 16.34
CA MET A 123 -33.22 35.91 17.75
C MET A 123 -33.58 37.12 18.58
N ASP A 124 -33.84 36.88 19.87
CA ASP A 124 -34.11 37.92 20.86
C ASP A 124 -35.38 38.70 20.57
N LEU A 125 -36.31 38.12 19.83
CA LEU A 125 -37.61 38.74 19.63
C LEU A 125 -38.39 38.78 20.94
N VAL A 126 -39.05 39.92 21.19
CA VAL A 126 -39.93 40.09 22.35
C VAL A 126 -41.30 40.58 21.90
N ALA A 127 -42.33 39.82 22.26
CA ALA A 127 -43.70 40.23 21.99
C ALA A 127 -44.11 41.39 22.90
N LYS A 128 -45.20 42.06 22.52
CA LYS A 128 -45.74 43.08 23.39
C LYS A 128 -46.43 42.47 24.62
N SER A 129 -46.53 43.27 25.67
CA SER A 129 -47.08 42.82 26.94
C SER A 129 -48.39 42.09 26.73
N GLY A 130 -48.50 40.92 27.34
CA GLY A 130 -49.74 40.19 27.35
C GLY A 130 -50.01 39.32 26.16
N ILE A 131 -49.12 39.31 25.16
CA ILE A 131 -49.23 38.41 24.01
C ILE A 131 -48.27 37.25 24.24
N SER A 132 -48.81 36.06 24.36
CA SER A 132 -48.01 34.89 24.62
C SER A 132 -47.99 33.93 23.45
N LYS A 133 -48.88 34.12 22.47
CA LYS A 133 -48.93 33.21 21.34
C LYS A 133 -47.58 33.23 20.59
N PHE A 134 -47.44 32.28 19.69
CA PHE A 134 -46.21 32.07 18.96
C PHE A 134 -46.25 32.61 17.53
N ASN A 135 -47.40 33.11 17.08
CA ASN A 135 -47.58 33.70 15.76
C ASN A 135 -47.87 35.18 15.95
N LEU A 136 -46.97 36.03 15.45
CA LEU A 136 -47.00 37.46 15.72
C LEU A 136 -46.92 38.26 14.43
N VAL A 137 -47.85 39.19 14.24
CA VAL A 137 -47.70 40.18 13.17
C VAL A 137 -46.88 41.33 13.73
N PRO A 138 -46.38 42.23 12.88
CA PRO A 138 -45.45 43.25 13.36
C PRO A 138 -46.00 44.13 14.45
N SER A 139 -47.31 44.34 14.48
CA SER A 139 -47.90 45.20 15.50
C SER A 139 -47.98 44.53 16.87
N GLU A 140 -47.76 43.23 16.94
CA GLU A 140 -47.74 42.50 18.21
C GLU A 140 -46.33 42.32 18.76
N VAL A 141 -45.32 42.83 18.07
CA VAL A 141 -43.94 42.66 18.45
C VAL A 141 -43.45 43.94 19.07
N GLU A 142 -42.87 43.83 20.25
CA GLU A 142 -42.26 44.96 20.92
C GLU A 142 -40.82 45.18 20.47
N SER A 143 -40.03 44.10 20.33
CA SER A 143 -38.68 44.20 19.78
C SER A 143 -38.43 43.05 18.80
N THR A 144 -38.02 43.36 17.58
CA THR A 144 -37.80 42.27 16.62
C THR A 144 -36.48 41.53 16.83
N GLY A 145 -35.65 41.99 17.77
CA GLY A 145 -34.38 41.32 18.00
C GLY A 145 -33.41 41.52 16.84
N THR A 146 -32.62 40.49 16.56
CA THR A 146 -31.60 40.55 15.51
C THR A 146 -31.96 39.54 14.43
N LEU A 147 -32.16 40.02 13.21
CA LEU A 147 -32.22 39.12 12.05
C LEU A 147 -30.84 38.47 11.86
N LEU A 148 -30.80 37.15 11.95
CA LEU A 148 -29.54 36.42 11.88
C LEU A 148 -29.22 35.88 10.49
N PHE A 149 -30.16 35.19 9.89
CA PHE A 149 -29.97 34.56 8.58
C PHE A 149 -31.20 34.81 7.74
N PHE A 150 -31.05 35.03 6.42
CA PHE A 150 -32.24 35.08 5.57
C PHE A 150 -31.87 34.71 4.14
N ASP A 151 -32.93 34.57 3.32
CA ASP A 151 -32.79 34.24 1.90
C ASP A 151 -33.91 34.87 1.11
N ASN A 152 -33.59 35.15 -0.15
CA ASN A 152 -34.55 35.67 -1.13
C ASN A 152 -34.83 34.49 -2.05
N LYS A 153 -36.09 34.07 -2.07
CA LYS A 153 -36.54 32.85 -2.73
C LYS A 153 -37.58 33.18 -3.78
N GLN A 154 -37.93 32.21 -4.59
CA GLN A 154 -39.10 32.43 -5.42
C GLN A 154 -40.37 32.26 -4.60
N PHE A 155 -41.44 32.87 -5.07
CA PHE A 155 -42.64 33.03 -4.26
C PHE A 155 -43.30 31.68 -3.94
N GLN A 156 -43.90 31.63 -2.75
CA GLN A 156 -44.79 30.56 -2.32
C GLN A 156 -46.10 31.19 -1.85
N ASN A 157 -47.19 30.46 -2.00
CA ASN A 157 -48.50 30.93 -1.59
C ASN A 157 -48.90 30.29 -0.27
N ARG A 158 -49.71 31.02 0.48
CA ARG A 158 -50.22 30.55 1.76
C ARG A 158 -51.72 30.81 1.78
N SER A 159 -52.49 29.77 2.07
CA SER A 159 -53.95 29.84 2.11
C SER A 159 -54.44 29.27 3.44
N GLU A 160 -55.77 29.34 3.66
CA GLU A 160 -56.32 28.90 4.94
C GLU A 160 -55.97 27.45 5.26
N GLN A 161 -55.72 26.65 4.23
CA GLN A 161 -55.51 25.21 4.40
C GLN A 161 -54.07 24.77 4.37
N THR A 162 -53.17 25.62 3.88
CA THR A 162 -51.77 25.25 3.76
C THR A 162 -51.05 25.37 5.10
N THR A 163 -50.02 24.56 5.23
CA THR A 163 -48.99 24.79 6.22
C THR A 163 -47.70 25.09 5.45
N ALA A 164 -47.04 26.18 5.83
CA ALA A 164 -45.74 26.58 5.31
C ALA A 164 -44.69 26.16 6.32
N LYS A 165 -43.82 25.25 5.92
CA LYS A 165 -42.66 24.82 6.68
C LYS A 165 -41.43 25.38 5.99
N GLU A 166 -40.57 26.02 6.75
CA GLU A 166 -39.37 26.62 6.24
C GLU A 166 -38.24 26.22 7.16
N ARG A 167 -37.11 25.88 6.58
CA ARG A 167 -35.96 25.53 7.37
C ARG A 167 -34.68 25.91 6.66
N PHE A 168 -33.67 26.19 7.47
CA PHE A 168 -32.32 26.47 7.02
C PHE A 168 -31.37 25.50 7.72
N ILE A 169 -30.29 25.15 7.03
CA ILE A 169 -29.04 24.74 7.68
C ILE A 169 -27.97 25.75 7.28
N VAL A 170 -27.27 26.31 8.28
CA VAL A 170 -26.24 27.32 8.06
C VAL A 170 -25.04 27.07 8.94
N GLU A 171 -23.87 27.59 8.51
CA GLU A 171 -22.68 27.71 9.33
C GLU A 171 -22.20 29.15 9.37
N VAL A 172 -21.40 29.47 10.39
CA VAL A 172 -20.98 30.84 10.66
C VAL A 172 -20.07 31.38 9.55
N ASP A 173 -19.15 30.56 9.05
CA ASP A 173 -18.22 30.99 8.00
C ASP A 173 -18.20 29.95 6.89
N PRO A 174 -19.11 30.06 5.91
CA PRO A 174 -19.02 29.11 4.77
C PRO A 174 -17.91 29.51 3.80
N ALA B 1 42.47 28.80 30.38
CA ALA B 1 42.30 28.65 28.94
C ALA B 1 41.03 27.89 28.64
N ILE B 2 40.52 28.02 27.41
CA ILE B 2 39.31 27.32 26.98
C ILE B 2 39.68 26.40 25.82
N ALA B 3 38.93 25.31 25.72
CA ALA B 3 38.91 24.46 24.53
C ALA B 3 38.07 25.12 23.44
N THR B 4 38.49 24.95 22.18
CA THR B 4 37.72 25.43 21.03
C THR B 4 36.61 24.46 20.62
N TYR B 5 35.66 24.99 19.85
CA TYR B 5 34.64 24.16 19.21
C TYR B 5 35.31 23.04 18.41
N ASN B 6 36.33 23.38 17.61
CA ASN B 6 36.93 22.35 16.76
C ASN B 6 37.84 21.36 17.52
N SER B 7 38.33 21.70 18.71
CA SER B 7 38.89 20.63 19.54
C SER B 7 37.83 19.58 19.89
N HIS B 8 36.58 19.99 20.17
CA HIS B 8 35.51 19.04 20.47
C HIS B 8 35.22 18.17 19.24
N VAL B 9 35.29 18.76 18.07
CA VAL B 9 35.12 17.98 16.85
C VAL B 9 36.26 16.95 16.74
N GLU B 10 37.49 17.35 16.96
CA GLU B 10 38.59 16.37 16.81
C GLU B 10 38.48 15.25 17.83
N LEU B 11 38.04 15.55 19.03
CA LEU B 11 37.83 14.48 20.03
C LEU B 11 36.66 13.57 19.66
N ALA B 12 35.57 14.12 19.10
CA ALA B 12 34.49 13.26 18.61
C ALA B 12 34.99 12.36 17.48
N LYS B 13 35.83 12.91 16.59
CA LYS B 13 36.40 12.08 15.54
C LYS B 13 37.22 10.93 16.09
N TYR B 14 38.02 11.20 17.13
CA TYR B 14 38.82 10.15 17.76
C TYR B 14 37.92 9.03 18.32
N LEU B 15 36.87 9.39 19.05
CA LEU B 15 35.91 8.40 19.50
C LEU B 15 35.33 7.58 18.36
N VAL B 16 34.89 8.25 17.28
CA VAL B 16 34.35 7.50 16.17
C VAL B 16 35.39 6.58 15.56
N SER B 17 36.67 6.98 15.55
CA SER B 17 37.73 6.13 14.99
C SER B 17 37.88 4.83 15.76
N LYS B 18 37.35 4.76 16.98
CA LYS B 18 37.41 3.56 17.80
C LYS B 18 36.23 2.64 17.59
N ALA B 19 35.38 2.91 16.59
CA ALA B 19 34.11 2.23 16.43
C ALA B 19 34.25 0.71 16.54
N ASP B 20 35.30 0.14 15.95
CA ASP B 20 35.35 -1.31 15.87
C ASP B 20 35.54 -1.99 17.23
N SER B 21 35.79 -1.23 18.30
CA SER B 21 35.88 -1.79 19.66
C SER B 21 34.80 -1.22 20.59
N VAL B 22 33.76 -0.60 20.05
CA VAL B 22 32.71 0.04 20.86
C VAL B 22 31.56 -0.93 21.04
N TYR B 23 31.13 -1.11 22.30
CA TYR B 23 30.00 -1.95 22.63
C TYR B 23 28.94 -1.22 23.43
N LEU B 24 27.68 -1.50 23.14
CA LEU B 24 26.61 -1.20 24.06
C LEU B 24 26.80 -2.06 25.32
N THR B 25 26.50 -1.49 26.48
CA THR B 25 26.33 -2.28 27.70
C THR B 25 25.04 -1.88 28.42
N ILE B 26 24.35 -2.88 29.00
CA ILE B 26 23.12 -2.65 29.76
C ILE B 26 23.28 -3.24 31.15
N GLY B 27 22.60 -2.63 32.12
CA GLY B 27 22.72 -3.05 33.49
C GLY B 27 21.51 -2.68 34.32
N LYS B 28 21.69 -2.82 35.64
CA LYS B 28 20.66 -2.50 36.64
C LYS B 28 19.36 -3.26 36.36
N SER B 29 19.45 -4.55 36.68
CA SER B 29 18.36 -5.50 36.46
C SER B 29 17.36 -5.62 37.61
N THR B 30 17.57 -4.91 38.72
CA THR B 30 16.62 -4.82 39.81
C THR B 30 16.22 -3.37 40.01
N PRO B 31 15.10 -3.12 40.69
CA PRO B 31 14.61 -1.76 40.82
C PRO B 31 15.60 -0.77 41.39
N TRP B 32 15.44 0.48 40.93
CA TRP B 32 15.97 1.64 41.64
C TRP B 32 15.26 1.74 42.99
N SER B 33 15.96 2.30 43.99
CA SER B 33 15.25 2.60 45.23
C SER B 33 14.11 3.55 44.92
N ASN B 34 14.43 4.65 44.24
CA ASN B 34 13.43 5.62 43.79
C ASN B 34 13.11 5.33 42.31
N GLU B 35 12.06 4.52 42.08
CA GLU B 35 11.82 4.09 40.69
C GLU B 35 11.21 5.21 39.86
N THR B 36 10.49 6.16 40.50
CA THR B 36 9.91 7.27 39.74
C THR B 36 10.96 8.33 39.39
N ASN B 37 11.99 8.49 40.21
CA ASN B 37 13.04 9.49 39.94
C ASN B 37 14.39 8.83 40.18
N PRO B 38 14.90 8.07 39.21
CA PRO B 38 16.20 7.40 39.37
C PRO B 38 17.32 8.37 39.67
N PRO B 39 18.40 7.88 40.26
CA PRO B 39 19.57 8.73 40.52
C PRO B 39 20.16 9.35 39.26
N GLN B 40 20.76 10.53 39.43
CA GLN B 40 21.55 11.10 38.35
C GLN B 40 22.75 10.18 38.10
N PRO B 41 23.17 10.01 36.86
CA PRO B 41 24.32 9.14 36.62
C PRO B 41 25.60 9.69 37.24
N ASP B 42 26.37 8.78 37.85
CA ASP B 42 27.61 9.10 38.55
C ASP B 42 28.81 9.01 37.62
N GLU B 43 29.44 10.15 37.33
CA GLU B 43 30.51 10.18 36.34
C GLU B 43 31.70 9.32 36.77
N ASN B 44 31.82 8.98 38.05
CA ASN B 44 32.95 8.15 38.48
C ASN B 44 32.73 6.66 38.28
N ALA B 45 31.56 6.24 37.83
CA ALA B 45 31.33 4.82 37.58
C ALA B 45 32.24 4.32 36.46
N THR B 46 32.70 3.06 36.59
CA THR B 46 33.51 2.40 35.57
C THR B 46 32.88 1.12 35.05
N VAL B 47 31.70 0.79 35.55
CA VAL B 47 30.88 -0.30 35.04
C VAL B 47 29.45 0.05 35.42
N LEU B 48 28.50 -0.52 34.71
CA LEU B 48 27.12 -0.36 35.12
C LEU B 48 26.86 -1.29 36.32
N GLN B 49 25.93 -0.89 37.17
CA GLN B 49 25.50 -1.80 38.23
C GLN B 49 24.90 -3.04 37.60
N GLU B 50 25.10 -4.19 38.26
CA GLU B 50 24.42 -5.42 37.88
C GLU B 50 24.55 -5.64 36.38
N VAL B 51 25.78 -5.50 35.88
CA VAL B 51 25.94 -5.47 34.42
C VAL B 51 25.43 -6.77 33.84
N ILE B 52 24.63 -6.65 32.77
CA ILE B 52 24.00 -7.79 32.11
C ILE B 52 24.90 -8.34 31.00
N GLY B 53 25.46 -7.44 30.19
CA GLY B 53 26.42 -7.85 29.20
C GLY B 53 26.75 -6.73 28.22
N TYR B 54 27.27 -7.14 27.06
CA TYR B 54 27.81 -6.23 26.05
C TYR B 54 27.38 -6.69 24.67
N LYS B 55 27.09 -5.71 23.79
CA LYS B 55 26.71 -5.99 22.41
C LYS B 55 27.43 -5.01 21.51
N LYS B 56 28.14 -5.55 20.51
CA LYS B 56 28.92 -4.69 19.64
C LYS B 56 28.06 -3.61 19.00
N ALA B 57 28.60 -2.40 18.92
CA ALA B 57 27.82 -1.31 18.37
C ALA B 57 27.49 -1.57 16.92
N THR B 58 26.27 -1.22 16.53
CA THR B 58 25.93 -1.36 15.12
C THR B 58 26.25 -0.11 14.32
N LYS B 59 26.19 1.06 14.98
CA LYS B 59 26.51 2.33 14.36
C LYS B 59 27.30 3.20 15.33
N VAL B 60 28.37 3.81 14.82
CA VAL B 60 29.17 4.79 15.54
C VAL B 60 29.53 5.87 14.52
N THR B 61 28.95 7.05 14.65
CA THR B 61 29.17 8.04 13.61
C THR B 61 29.03 9.45 14.17
N LEU B 62 29.74 10.38 13.55
CA LEU B 62 29.50 11.77 13.83
C LEU B 62 28.12 12.18 13.30
N VAL B 63 27.51 13.18 13.94
CA VAL B 63 26.23 13.75 13.48
C VAL B 63 26.20 15.23 13.82
N ARG B 64 25.21 15.93 13.29
CA ARG B 64 24.92 17.32 13.63
C ARG B 64 23.41 17.50 13.50
N PRO B 65 22.85 18.54 14.13
CA PRO B 65 21.40 18.76 13.98
C PRO B 65 21.03 18.94 12.52
N SER B 66 19.92 18.33 12.12
CA SER B 66 19.49 18.48 10.73
C SER B 66 18.72 19.77 10.54
N LYS B 67 18.75 20.28 9.32
CA LYS B 67 18.00 21.46 8.95
C LYS B 67 17.01 21.10 7.86
N SER B 68 15.76 21.57 8.06
CA SER B 68 14.61 21.85 7.24
C SER B 68 14.49 21.11 5.94
N PRO B 69 14.20 21.72 4.77
CA PRO B 69 14.16 20.84 3.63
C PRO B 69 15.57 20.45 3.24
N GLU B 70 16.58 21.27 3.61
CA GLU B 70 17.93 21.10 3.06
C GLU B 70 18.50 19.68 3.26
N ASP B 71 18.33 19.09 4.46
CA ASP B 71 18.96 17.80 4.77
C ASP B 71 18.06 16.59 4.49
N ASP B 72 16.86 16.80 3.97
CA ASP B 72 15.87 15.73 3.94
C ASP B 72 16.21 14.62 2.97
N ASN B 73 17.14 14.85 2.04
CA ASN B 73 17.64 13.81 1.14
C ASN B 73 18.73 12.96 1.77
N LYS B 74 19.10 13.23 3.02
CA LYS B 74 20.24 12.55 3.61
C LYS B 74 19.78 11.49 4.60
N ASN B 75 20.79 10.91 5.24
CA ASN B 75 20.72 9.81 6.18
C ASN B 75 20.32 10.38 7.53
N LEU B 76 19.00 10.48 7.77
CA LEU B 76 18.48 11.14 8.96
C LEU B 76 18.34 10.18 10.15
N ILE B 77 18.36 10.78 11.33
CA ILE B 77 18.26 10.06 12.60
C ILE B 77 17.38 10.90 13.50
N SER B 78 16.40 10.26 14.15
CA SER B 78 15.53 10.92 15.11
C SER B 78 15.92 10.57 16.53
N TYR B 79 16.13 11.58 17.37
CA TYR B 79 16.59 11.32 18.72
C TYR B 79 16.40 12.58 19.56
N GLY B 80 16.12 12.37 20.85
CA GLY B 80 16.03 13.48 21.78
C GLY B 80 14.95 14.47 21.44
N ASN B 81 13.95 14.05 20.67
CA ASN B 81 12.92 14.94 20.13
C ASN B 81 13.51 15.96 19.14
N LYS B 82 14.61 15.61 18.49
CA LYS B 82 15.24 16.42 17.45
C LYS B 82 15.60 15.54 16.26
N SER B 83 16.01 16.16 15.17
CA SER B 83 16.47 15.42 14.01
C SER B 83 17.97 15.66 13.78
N TRP B 84 18.65 14.62 13.30
CA TRP B 84 20.10 14.64 13.13
C TRP B 84 20.48 14.00 11.80
N VAL B 85 21.63 14.38 11.28
CA VAL B 85 22.15 13.77 10.07
C VAL B 85 23.59 13.35 10.28
N GLU B 86 23.95 12.21 9.71
CA GLU B 86 25.32 11.71 9.77
C GLU B 86 26.28 12.63 9.00
N VAL B 87 27.53 12.71 9.48
CA VAL B 87 28.60 13.51 8.89
C VAL B 87 29.85 12.64 8.83
N THR B 88 30.54 12.67 7.67
CA THR B 88 31.83 11.96 7.54
C THR B 88 32.94 12.65 8.31
N PRO B 89 33.96 11.90 8.78
CA PRO B 89 35.07 12.56 9.49
C PRO B 89 35.70 13.68 8.67
N GLU B 90 35.80 13.51 7.35
CA GLU B 90 36.43 14.53 6.53
C GLU B 90 35.62 15.82 6.49
N ASN B 91 34.30 15.73 6.57
CA ASN B 91 33.48 16.94 6.57
C ASN B 91 33.14 17.47 7.98
N ALA B 92 33.76 16.92 9.03
CA ALA B 92 33.29 17.21 10.39
C ALA B 92 33.51 18.67 10.78
N LYS B 93 34.72 19.19 10.54
CA LYS B 93 34.98 20.59 10.87
C LYS B 93 34.04 21.51 10.08
N ALA B 94 33.91 21.28 8.77
CA ALA B 94 33.09 22.15 7.94
C ALA B 94 31.65 22.19 8.43
N GLU B 95 31.14 21.04 8.87
CA GLU B 95 29.76 20.88 9.28
C GLU B 95 29.55 21.10 10.78
N GLY B 96 30.62 21.31 11.55
CA GLY B 96 30.49 21.51 13.00
C GLY B 96 30.05 20.26 13.74
N ALA B 97 30.40 19.11 13.23
CA ALA B 97 29.93 17.83 13.75
C ALA B 97 30.73 17.44 14.99
N LYS B 98 30.31 17.95 16.12
CA LYS B 98 30.92 17.56 17.40
C LYS B 98 30.12 16.53 18.19
N TRP B 99 29.02 16.00 17.64
CA TRP B 99 28.17 15.03 18.32
C TRP B 99 28.49 13.62 17.84
N VAL B 100 28.43 12.66 18.74
CA VAL B 100 28.65 11.25 18.40
C VAL B 100 27.35 10.50 18.58
N TYR B 101 26.95 9.78 17.55
CA TYR B 101 25.83 8.89 17.61
C TYR B 101 26.34 7.48 17.81
N LEU B 102 25.85 6.84 18.86
CA LEU B 102 26.16 5.47 19.21
C LEU B 102 24.86 4.68 19.28
N GLU B 103 24.85 3.50 18.69
CA GLU B 103 23.67 2.67 18.68
C GLU B 103 24.07 1.22 18.70
N SER B 104 23.28 0.40 19.41
CA SER B 104 23.27 -1.03 19.15
C SER B 104 21.87 -1.58 19.40
N SER B 105 21.68 -2.83 18.96
CA SER B 105 20.43 -3.54 19.17
C SER B 105 20.72 -4.89 19.81
N ILE B 106 19.91 -5.22 20.80
CA ILE B 106 19.95 -6.52 21.46
C ILE B 106 18.67 -7.23 21.08
N VAL B 107 18.81 -8.36 20.38
CA VAL B 107 17.67 -9.10 19.86
C VAL B 107 17.44 -10.30 20.77
N GLY B 108 16.32 -10.27 21.49
CA GLY B 108 15.90 -11.43 22.26
C GLY B 108 16.95 -11.85 23.25
N ASP B 109 17.22 -13.15 23.30
CA ASP B 109 17.95 -13.75 24.39
C ASP B 109 19.46 -13.81 24.16
N GLU B 110 19.99 -13.10 23.16
CA GLU B 110 21.45 -13.13 22.99
C GLU B 110 22.18 -12.61 24.23
N LEU B 111 21.48 -11.94 25.14
CA LEU B 111 21.94 -11.63 26.48
C LEU B 111 20.84 -12.04 27.45
N PRO B 112 21.20 -12.53 28.65
CA PRO B 112 20.21 -12.95 29.66
C PRO B 112 19.02 -12.01 29.79
N LEU B 113 17.84 -12.60 29.92
CA LEU B 113 16.60 -11.84 29.88
C LEU B 113 16.31 -11.17 31.22
N GLY B 114 15.46 -10.16 31.18
CA GLY B 114 15.06 -9.42 32.37
C GLY B 114 14.85 -7.94 32.04
N THR B 115 14.72 -7.14 33.09
CA THR B 115 14.64 -5.69 32.96
C THR B 115 16.01 -5.05 33.09
N TYR B 116 16.14 -3.84 32.52
CA TYR B 116 17.37 -3.09 32.57
C TYR B 116 17.01 -1.63 32.73
N ARG B 117 17.88 -0.89 33.42
CA ARG B 117 17.65 0.53 33.70
C ARG B 117 18.88 1.38 33.44
N GLN B 118 19.99 0.78 33.08
CA GLN B 118 21.20 1.50 32.78
C GLN B 118 21.64 1.12 31.39
N VAL B 119 22.07 2.12 30.64
CA VAL B 119 22.50 1.96 29.28
C VAL B 119 23.82 2.68 29.16
N GLY B 120 24.79 2.04 28.54
CA GLY B 120 26.08 2.66 28.38
C GLY B 120 26.77 2.18 27.12
N PHE B 121 27.89 2.84 26.82
CA PHE B 121 28.77 2.42 25.73
C PHE B 121 30.21 2.44 26.20
N VAL B 122 30.96 1.37 25.89
CA VAL B 122 32.35 1.26 26.22
C VAL B 122 33.18 1.23 24.94
N MET B 123 34.46 1.57 25.06
CA MET B 123 35.44 1.32 24.01
C MET B 123 36.57 0.45 24.54
N ASP B 124 37.38 -0.07 23.59
CA ASP B 124 38.53 -0.95 23.86
C ASP B 124 38.13 -2.23 24.60
N LEU B 125 36.94 -2.74 24.33
CA LEU B 125 36.56 -4.03 24.87
C LEU B 125 37.30 -5.10 24.06
N VAL B 126 37.81 -6.11 24.75
CA VAL B 126 38.46 -7.26 24.10
C VAL B 126 37.80 -8.53 24.62
N ALA B 127 37.27 -9.34 23.72
CA ALA B 127 36.65 -10.59 24.11
C ALA B 127 37.73 -11.62 24.38
N LYS B 128 37.42 -12.60 25.23
CA LYS B 128 38.38 -13.68 25.48
C LYS B 128 38.77 -14.35 24.16
N SER B 129 39.99 -14.88 24.11
CA SER B 129 40.49 -15.47 22.88
C SER B 129 39.53 -16.52 22.34
N GLY B 130 39.27 -16.47 21.04
CA GLY B 130 38.45 -17.46 20.35
C GLY B 130 36.99 -17.08 20.22
N ILE B 131 36.53 -16.10 20.99
CA ILE B 131 35.16 -15.60 20.91
C ILE B 131 35.12 -14.50 19.86
N SER B 132 34.24 -14.67 18.87
CA SER B 132 34.03 -13.74 17.77
C SER B 132 32.61 -13.15 17.72
N LYS B 133 31.66 -13.72 18.46
CA LYS B 133 30.30 -13.21 18.49
C LYS B 133 30.26 -11.81 19.12
N PHE B 134 29.24 -11.05 18.75
CA PHE B 134 29.12 -9.64 19.13
C PHE B 134 28.38 -9.45 20.46
N ASN B 135 27.79 -10.52 20.98
CA ASN B 135 27.04 -10.52 22.24
C ASN B 135 27.87 -11.24 23.29
N LEU B 136 28.21 -10.52 24.36
CA LEU B 136 29.12 -11.03 25.36
C LEU B 136 28.57 -10.79 26.75
N VAL B 137 28.51 -11.84 27.56
CA VAL B 137 28.22 -11.70 28.98
C VAL B 137 29.53 -11.47 29.69
N PRO B 138 29.53 -10.97 30.92
CA PRO B 138 30.79 -10.55 31.54
C PRO B 138 31.87 -11.62 31.52
N SER B 139 31.50 -12.91 31.65
CA SER B 139 32.48 -14.00 31.72
C SER B 139 33.17 -14.27 30.39
N GLU B 140 32.67 -13.69 29.30
CA GLU B 140 33.27 -13.83 27.98
C GLU B 140 34.24 -12.69 27.65
N VAL B 141 34.41 -11.72 28.54
CA VAL B 141 35.20 -10.52 28.26
C VAL B 141 36.53 -10.60 28.98
N GLU B 142 37.61 -10.44 28.21
CA GLU B 142 38.96 -10.33 28.75
C GLU B 142 39.20 -8.96 29.36
N SER B 143 38.91 -7.89 28.60
CA SER B 143 39.02 -6.52 29.10
C SER B 143 37.76 -5.73 28.77
N THR B 144 37.16 -5.10 29.79
CA THR B 144 35.97 -4.31 29.52
C THR B 144 36.29 -2.96 28.91
N GLY B 145 37.57 -2.58 28.84
CA GLY B 145 37.96 -1.33 28.20
C GLY B 145 37.62 -0.12 29.05
N THR B 146 37.10 0.93 28.44
CA THR B 146 36.64 2.09 29.18
C THR B 146 35.15 2.35 28.97
N LEU B 147 34.40 2.47 30.05
CA LEU B 147 33.02 2.95 29.95
C LEU B 147 33.08 4.45 29.66
N LEU B 148 32.51 4.85 28.53
CA LEU B 148 32.60 6.21 28.01
C LEU B 148 31.41 7.08 28.37
N PHE B 149 30.20 6.61 28.14
CA PHE B 149 28.96 7.37 28.32
C PHE B 149 27.93 6.46 28.95
N PHE B 150 27.07 6.96 29.83
CA PHE B 150 25.96 6.13 30.26
C PHE B 150 24.81 6.98 30.78
N ASP B 151 23.66 6.32 31.00
CA ASP B 151 22.46 6.97 31.51
C ASP B 151 21.68 6.00 32.40
N ASN B 152 20.98 6.60 33.35
CA ASN B 152 20.09 5.91 34.26
C ASN B 152 18.67 6.23 33.83
N LYS B 153 17.91 5.20 33.46
CA LYS B 153 16.62 5.33 32.81
C LYS B 153 15.54 4.62 33.59
N GLN B 154 14.28 4.90 33.23
CA GLN B 154 13.15 4.09 33.68
C GLN B 154 13.29 2.67 33.13
N PHE B 155 12.78 1.70 33.89
CA PHE B 155 13.00 0.31 33.50
C PHE B 155 12.40 0.00 32.12
N GLN B 156 13.08 -0.91 31.42
CA GLN B 156 12.54 -1.53 30.22
C GLN B 156 12.70 -3.05 30.37
N ASN B 157 11.82 -3.79 29.72
CA ASN B 157 11.86 -5.25 29.75
C ASN B 157 12.46 -5.83 28.48
N ARG B 158 13.08 -6.98 28.63
CA ARG B 158 13.60 -7.76 27.50
C ARG B 158 13.09 -9.19 27.64
N SER B 159 12.40 -9.69 26.62
CA SER B 159 12.02 -11.10 26.56
C SER B 159 12.44 -11.66 25.21
N GLU B 160 12.07 -12.93 24.96
CA GLU B 160 12.56 -13.66 23.78
C GLU B 160 12.19 -12.97 22.45
N GLN B 161 11.11 -12.20 22.41
CA GLN B 161 10.73 -11.52 21.18
C GLN B 161 11.07 -10.03 21.17
N THR B 162 11.67 -9.49 22.24
CA THR B 162 12.00 -8.08 22.30
C THR B 162 13.29 -7.77 21.52
N THR B 163 13.27 -6.68 20.78
CA THR B 163 14.49 -6.06 20.31
C THR B 163 14.63 -4.73 21.02
N ALA B 164 15.73 -4.57 21.73
CA ALA B 164 16.02 -3.31 22.40
C ALA B 164 17.05 -2.57 21.58
N LYS B 165 16.63 -1.48 20.95
CA LYS B 165 17.52 -0.59 20.22
C LYS B 165 17.83 0.60 21.14
N GLU B 166 19.07 0.67 21.59
CA GLU B 166 19.53 1.74 22.45
C GLU B 166 20.50 2.64 21.70
N ARG B 167 20.37 3.94 21.93
CA ARG B 167 21.08 4.95 21.17
C ARG B 167 21.36 6.13 22.09
N PHE B 168 22.53 6.75 21.92
CA PHE B 168 22.85 8.05 22.46
C PHE B 168 23.29 9.00 21.35
N ILE B 169 23.01 10.28 21.47
CA ILE B 169 23.82 11.30 20.82
C ILE B 169 24.46 12.12 21.91
N VAL B 170 25.79 12.18 21.92
CA VAL B 170 26.56 12.83 22.97
C VAL B 170 27.55 13.80 22.35
N GLU B 171 27.89 14.86 23.07
CA GLU B 171 29.09 15.65 22.76
C GLU B 171 30.07 15.64 23.95
N VAL B 172 31.32 16.08 23.71
CA VAL B 172 32.37 15.93 24.71
C VAL B 172 32.19 16.89 25.90
N ASP B 173 31.73 18.11 25.62
CA ASP B 173 31.51 19.14 26.65
C ASP B 173 30.14 19.76 26.44
N PRO B 174 29.09 19.20 27.05
CA PRO B 174 27.77 19.90 27.07
C PRO B 174 27.79 21.08 28.05
N ALA C 1 0.86 -14.58 17.11
CA ALA C 1 -0.41 -13.85 17.06
C ALA C 1 -1.52 -14.71 16.45
N ILE C 2 -2.75 -14.55 16.93
CA ILE C 2 -3.86 -15.33 16.41
C ILE C 2 -4.87 -14.40 15.74
N ALA C 3 -5.63 -14.98 14.81
CA ALA C 3 -6.81 -14.31 14.28
C ALA C 3 -7.95 -14.53 15.27
N THR C 4 -8.84 -13.55 15.33
CA THR C 4 -9.99 -13.70 16.19
C THR C 4 -11.08 -14.45 15.45
N TYR C 5 -12.06 -14.92 16.22
CA TYR C 5 -13.24 -15.52 15.64
C TYR C 5 -13.89 -14.56 14.66
N ASN C 6 -14.00 -13.27 15.05
CA ASN C 6 -14.72 -12.35 14.19
C ASN C 6 -13.94 -11.97 12.93
N SER C 7 -12.63 -12.07 12.92
CA SER C 7 -11.94 -11.88 11.63
C SER C 7 -12.38 -12.96 10.62
N HIS C 8 -12.56 -14.20 11.08
CA HIS C 8 -13.07 -15.22 10.18
C HIS C 8 -14.45 -14.86 9.66
N VAL C 9 -15.31 -14.28 10.52
CA VAL C 9 -16.60 -13.80 10.10
C VAL C 9 -16.46 -12.73 9.01
N GLU C 10 -15.59 -11.73 9.24
CA GLU C 10 -15.44 -10.65 8.26
C GLU C 10 -14.87 -11.16 6.94
N LEU C 11 -14.03 -12.17 6.99
CA LEU C 11 -13.53 -12.74 5.74
C LEU C 11 -14.60 -13.57 5.04
N ALA C 12 -15.42 -14.29 5.81
CA ALA C 12 -16.53 -14.99 5.20
C ALA C 12 -17.47 -14.00 4.54
N LYS C 13 -17.76 -12.90 5.24
CA LYS C 13 -18.60 -11.87 4.62
C LYS C 13 -18.00 -11.40 3.30
N TYR C 14 -16.68 -11.19 3.27
CA TYR C 14 -16.07 -10.72 2.02
C TYR C 14 -16.30 -11.73 0.89
N LEU C 15 -16.13 -13.02 1.14
CA LEU C 15 -16.39 -14.01 0.09
C LEU C 15 -17.83 -13.93 -0.38
N VAL C 16 -18.79 -13.87 0.56
CA VAL C 16 -20.20 -13.81 0.18
C VAL C 16 -20.46 -12.55 -0.64
N SER C 17 -19.76 -11.46 -0.32
CA SER C 17 -19.92 -10.24 -1.11
C SER C 17 -19.48 -10.42 -2.57
N LYS C 18 -18.69 -11.43 -2.90
CA LYS C 18 -18.28 -11.65 -4.28
C LYS C 18 -19.28 -12.53 -5.05
N ALA C 19 -20.48 -12.75 -4.52
CA ALA C 19 -21.36 -13.80 -5.03
C ALA C 19 -21.63 -13.66 -6.53
N ASP C 20 -21.68 -12.43 -7.06
CA ASP C 20 -22.06 -12.28 -8.46
C ASP C 20 -20.98 -12.72 -9.43
N SER C 21 -19.75 -12.98 -8.97
CA SER C 21 -18.68 -13.50 -9.82
C SER C 21 -18.27 -14.93 -9.45
N VAL C 22 -19.08 -15.63 -8.66
CA VAL C 22 -18.77 -16.97 -8.15
C VAL C 22 -19.44 -18.00 -9.06
N TYR C 23 -18.65 -18.95 -9.54
CA TYR C 23 -19.12 -20.02 -10.43
C TYR C 23 -18.68 -21.36 -9.87
N LEU C 24 -19.56 -22.36 -10.01
CA LEU C 24 -19.16 -23.74 -9.88
C LEU C 24 -18.31 -24.13 -11.09
N THR C 25 -17.26 -24.89 -10.85
CA THR C 25 -16.48 -25.49 -11.92
C THR C 25 -16.40 -26.99 -11.65
N ILE C 26 -16.44 -27.80 -12.72
CA ILE C 26 -16.24 -29.24 -12.62
C ILE C 26 -15.17 -29.69 -13.61
N GLY C 27 -14.51 -30.81 -13.28
CA GLY C 27 -13.47 -31.36 -14.11
C GLY C 27 -13.15 -32.82 -13.80
N LYS C 28 -11.98 -33.25 -14.30
CA LYS C 28 -11.50 -34.63 -14.26
C LYS C 28 -12.53 -35.59 -14.85
N SER C 29 -12.63 -35.58 -16.17
CA SER C 29 -13.58 -36.37 -16.91
C SER C 29 -13.00 -37.70 -17.38
N THR C 30 -11.77 -38.04 -17.00
CA THR C 30 -11.22 -39.38 -17.15
C THR C 30 -10.88 -39.96 -15.78
N PRO C 31 -10.71 -41.29 -15.68
CA PRO C 31 -10.57 -41.91 -14.35
C PRO C 31 -9.33 -41.45 -13.57
N TRP C 32 -9.48 -41.49 -12.26
CA TRP C 32 -8.34 -41.49 -11.36
C TRP C 32 -7.57 -42.80 -11.56
N SER C 33 -6.29 -42.78 -11.18
CA SER C 33 -5.52 -44.02 -11.09
C SER C 33 -6.35 -45.09 -10.42
N ASN C 34 -6.92 -44.77 -9.26
CA ASN C 34 -7.78 -45.65 -8.50
C ASN C 34 -9.15 -44.97 -8.33
N GLU C 35 -10.11 -45.40 -9.14
CA GLU C 35 -11.43 -44.77 -9.15
C GLU C 35 -12.11 -44.76 -7.79
N THR C 36 -11.73 -45.63 -6.86
CA THR C 36 -12.32 -45.58 -5.51
C THR C 36 -11.39 -44.97 -4.46
N ASN C 37 -10.23 -44.45 -4.86
CA ASN C 37 -9.35 -43.73 -3.94
C ASN C 37 -8.80 -42.50 -4.64
N PRO C 38 -9.63 -41.46 -4.79
CA PRO C 38 -9.15 -40.24 -5.46
C PRO C 38 -8.03 -39.62 -4.66
N PRO C 39 -7.07 -39.00 -5.33
CA PRO C 39 -5.95 -38.37 -4.60
C PRO C 39 -6.41 -37.19 -3.73
N GLN C 40 -5.63 -36.89 -2.70
CA GLN C 40 -5.95 -35.73 -1.88
C GLN C 40 -5.75 -34.46 -2.73
N PRO C 41 -6.62 -33.46 -2.58
CA PRO C 41 -6.52 -32.30 -3.48
C PRO C 41 -5.28 -31.45 -3.16
N ASP C 42 -4.68 -30.89 -4.21
CA ASP C 42 -3.50 -30.05 -4.10
C ASP C 42 -3.91 -28.58 -3.91
N GLU C 43 -3.64 -28.02 -2.71
CA GLU C 43 -3.99 -26.61 -2.43
C GLU C 43 -3.36 -25.64 -3.41
N ASN C 44 -2.28 -26.03 -4.09
CA ASN C 44 -1.64 -25.14 -5.03
C ASN C 44 -2.28 -25.13 -6.40
N ALA C 45 -3.28 -25.98 -6.66
CA ALA C 45 -3.95 -25.92 -7.94
C ALA C 45 -4.63 -24.56 -8.16
N THR C 46 -4.63 -24.14 -9.42
CA THR C 46 -5.31 -22.91 -9.84
C THR C 46 -6.43 -23.21 -10.83
N VAL C 47 -6.60 -24.48 -11.18
CA VAL C 47 -7.61 -24.91 -12.14
C VAL C 47 -7.87 -26.37 -11.86
N LEU C 48 -9.08 -26.84 -12.16
CA LEU C 48 -9.33 -28.27 -12.13
C LEU C 48 -8.63 -28.97 -13.30
N GLN C 49 -8.26 -30.24 -13.09
CA GLN C 49 -7.81 -31.06 -14.20
C GLN C 49 -8.93 -31.23 -15.20
N GLU C 50 -8.59 -31.24 -16.49
CA GLU C 50 -9.55 -31.53 -17.56
C GLU C 50 -10.85 -30.75 -17.34
N VAL C 51 -10.70 -29.45 -17.11
CA VAL C 51 -11.85 -28.63 -16.77
C VAL C 51 -12.94 -28.81 -17.80
N ILE C 52 -14.17 -29.07 -17.31
CA ILE C 52 -15.33 -29.23 -18.18
C ILE C 52 -16.00 -27.89 -18.42
N GLY C 53 -16.12 -27.07 -17.39
CA GLY C 53 -16.78 -25.79 -17.58
C GLY C 53 -17.16 -25.15 -16.26
N TYR C 54 -17.99 -24.13 -16.39
CA TYR C 54 -18.34 -23.26 -15.28
C TYR C 54 -19.84 -23.02 -15.31
N LYS C 55 -20.44 -22.92 -14.13
CA LYS C 55 -21.83 -22.55 -14.02
C LYS C 55 -21.99 -21.60 -12.86
N LYS C 56 -22.63 -20.45 -13.13
CA LYS C 56 -22.80 -19.45 -12.10
C LYS C 56 -23.48 -20.03 -10.86
N ALA C 57 -22.95 -19.69 -9.70
CA ALA C 57 -23.54 -20.13 -8.45
C ALA C 57 -24.99 -19.67 -8.33
N THR C 58 -25.83 -20.55 -7.82
CA THR C 58 -27.23 -20.21 -7.58
C THR C 58 -27.45 -19.70 -6.17
N LYS C 59 -26.61 -20.12 -5.22
CA LYS C 59 -26.71 -19.66 -3.85
C LYS C 59 -25.31 -19.47 -3.28
N VAL C 60 -25.09 -18.32 -2.66
CA VAL C 60 -23.86 -17.99 -1.94
C VAL C 60 -24.28 -17.28 -0.67
N THR C 61 -24.08 -17.92 0.47
CA THR C 61 -24.58 -17.30 1.67
C THR C 61 -23.78 -17.71 2.87
N LEU C 62 -23.81 -16.86 3.90
CA LEU C 62 -23.31 -17.22 5.22
C LEU C 62 -24.28 -18.20 5.88
N VAL C 63 -23.73 -19.12 6.67
CA VAL C 63 -24.55 -20.04 7.45
C VAL C 63 -23.88 -20.30 8.80
N ARG C 64 -24.66 -20.91 9.69
CA ARG C 64 -24.18 -21.42 10.96
C ARG C 64 -24.96 -22.69 11.28
N PRO C 65 -24.42 -23.55 12.13
CA PRO C 65 -25.21 -24.70 12.59
C PRO C 65 -26.51 -24.27 13.26
N SER C 66 -27.57 -25.00 12.94
CA SER C 66 -28.87 -24.74 13.54
C SER C 66 -28.91 -25.18 15.01
N LYS C 67 -29.79 -24.52 15.78
CA LYS C 67 -30.15 -24.94 17.13
C LYS C 67 -31.65 -25.25 17.15
N SER C 68 -32.05 -26.27 17.93
CA SER C 68 -33.40 -26.81 17.81
C SER C 68 -34.45 -25.88 18.40
N PRO C 69 -34.31 -25.38 19.62
CA PRO C 69 -35.35 -24.46 20.15
C PRO C 69 -35.51 -23.18 19.33
N GLU C 70 -34.41 -22.63 18.80
CA GLU C 70 -34.39 -21.26 18.28
C GLU C 70 -34.78 -21.19 16.79
N ASP C 71 -34.03 -21.89 15.94
CA ASP C 71 -34.21 -21.84 14.49
C ASP C 71 -35.33 -22.76 14.02
N ASP C 72 -36.23 -23.08 14.94
CA ASP C 72 -37.22 -24.14 14.74
C ASP C 72 -38.09 -23.89 13.51
N ASN C 73 -38.33 -22.63 13.16
CA ASN C 73 -39.34 -22.26 12.17
C ASN C 73 -38.78 -21.82 10.82
N LYS C 74 -37.49 -21.56 10.73
CA LYS C 74 -36.91 -20.93 9.54
C LYS C 74 -36.26 -21.98 8.64
N ASN C 75 -35.81 -21.53 7.47
CA ASN C 75 -35.42 -22.42 6.37
C ASN C 75 -34.07 -23.08 6.65
N LEU C 76 -34.07 -24.42 6.62
CA LEU C 76 -33.07 -25.25 7.26
C LEU C 76 -32.32 -26.08 6.22
N ILE C 77 -31.00 -25.85 6.12
CA ILE C 77 -30.14 -26.54 5.15
C ILE C 77 -29.55 -27.80 5.79
N SER C 78 -29.64 -28.93 5.09
CA SER C 78 -29.02 -30.17 5.53
C SER C 78 -27.75 -30.40 4.73
N TYR C 79 -26.66 -30.73 5.42
CA TYR C 79 -25.37 -30.87 4.77
C TYR C 79 -24.37 -31.50 5.74
N GLY C 80 -23.57 -32.43 5.22
CA GLY C 80 -22.58 -33.05 6.07
C GLY C 80 -23.17 -33.76 7.27
N ASN C 81 -24.38 -34.30 7.11
CA ASN C 81 -25.07 -35.01 8.18
C ASN C 81 -25.49 -34.07 9.30
N LYS C 82 -25.47 -32.76 9.05
CA LYS C 82 -25.75 -31.71 10.02
C LYS C 82 -26.78 -30.74 9.45
N SER C 83 -27.40 -29.96 10.33
CA SER C 83 -28.37 -28.97 9.93
C SER C 83 -27.79 -27.56 10.11
N TRP C 84 -28.11 -26.67 9.17
CA TRP C 84 -27.56 -25.31 9.10
C TRP C 84 -28.66 -24.34 8.72
N VAL C 85 -28.47 -23.08 9.10
CA VAL C 85 -29.42 -22.02 8.77
C VAL C 85 -28.68 -20.83 8.16
N GLU C 86 -29.31 -20.19 7.17
CA GLU C 86 -28.74 -19.00 6.53
C GLU C 86 -28.75 -17.80 7.47
N VAL C 87 -27.68 -17.00 7.36
CA VAL C 87 -27.48 -15.80 8.15
C VAL C 87 -27.18 -14.66 7.19
N THR C 88 -27.76 -13.48 7.45
CA THR C 88 -27.51 -12.31 6.61
C THR C 88 -26.20 -11.63 7.00
N PRO C 89 -25.55 -10.93 6.06
CA PRO C 89 -24.28 -10.30 6.43
C PRO C 89 -24.40 -9.35 7.60
N GLU C 90 -25.51 -8.60 7.68
CA GLU C 90 -25.68 -7.66 8.80
C GLU C 90 -25.74 -8.40 10.14
N ASN C 91 -26.24 -9.63 10.16
CA ASN C 91 -26.35 -10.38 11.41
C ASN C 91 -25.13 -11.25 11.71
N ALA C 92 -24.11 -11.23 10.84
CA ALA C 92 -23.12 -12.30 10.84
C ALA C 92 -22.36 -12.35 12.16
N LYS C 93 -21.95 -11.19 12.68
CA LYS C 93 -21.18 -11.17 13.94
C LYS C 93 -22.02 -11.66 15.11
N ALA C 94 -23.24 -11.14 15.23
CA ALA C 94 -24.11 -11.55 16.33
C ALA C 94 -24.30 -13.07 16.33
N GLU C 95 -24.43 -13.65 15.14
CA GLU C 95 -24.72 -15.07 14.98
C GLU C 95 -23.48 -15.94 14.89
N GLY C 96 -22.28 -15.37 14.82
CA GLY C 96 -21.07 -16.18 14.78
C GLY C 96 -20.88 -16.91 13.46
N ALA C 97 -21.41 -16.35 12.38
CA ALA C 97 -21.55 -17.02 11.10
C ALA C 97 -20.25 -16.81 10.32
N LYS C 98 -19.37 -17.78 10.43
CA LYS C 98 -18.13 -17.78 9.68
C LYS C 98 -18.09 -18.85 8.59
N TRP C 99 -19.21 -19.50 8.30
CA TRP C 99 -19.26 -20.54 7.28
C TRP C 99 -19.89 -19.96 6.02
N VAL C 100 -19.40 -20.40 4.87
CA VAL C 100 -19.93 -19.98 3.58
C VAL C 100 -20.53 -21.20 2.91
N TYR C 101 -21.79 -21.08 2.50
CA TYR C 101 -22.48 -22.09 1.71
C TYR C 101 -22.49 -21.65 0.25
N LEU C 102 -21.97 -22.51 -0.61
CA LEU C 102 -21.88 -22.32 -2.05
C LEU C 102 -22.65 -23.44 -2.74
N GLU C 103 -23.50 -23.09 -3.69
CA GLU C 103 -24.23 -24.08 -4.44
C GLU C 103 -24.39 -23.69 -5.89
N SER C 104 -24.41 -24.71 -6.75
CA SER C 104 -24.92 -24.51 -8.11
C SER C 104 -25.45 -25.82 -8.67
N SER C 105 -26.19 -25.72 -9.76
CA SER C 105 -26.74 -26.89 -10.43
C SER C 105 -26.42 -26.79 -11.91
N ILE C 106 -25.99 -27.90 -12.51
CA ILE C 106 -25.77 -27.98 -13.94
C ILE C 106 -26.86 -28.88 -14.55
N VAL C 107 -27.66 -28.32 -15.45
CA VAL C 107 -28.84 -29.02 -15.97
C VAL C 107 -28.53 -29.64 -17.33
N GLY C 108 -28.52 -30.96 -17.37
CA GLY C 108 -28.40 -31.65 -18.65
C GLY C 108 -27.13 -31.25 -19.38
N ASP C 109 -27.24 -30.98 -20.67
CA ASP C 109 -26.08 -30.80 -21.53
C ASP C 109 -25.64 -29.35 -21.66
N GLU C 110 -26.04 -28.46 -20.75
CA GLU C 110 -25.57 -27.08 -20.85
C GLU C 110 -24.07 -26.97 -20.63
N LEU C 111 -23.42 -28.03 -20.15
CA LEU C 111 -21.99 -28.24 -20.28
C LEU C 111 -21.78 -29.61 -20.88
N PRO C 112 -20.66 -29.83 -21.57
CA PRO C 112 -20.47 -31.11 -22.27
C PRO C 112 -20.61 -32.28 -21.32
N LEU C 113 -21.27 -33.33 -21.82
CA LEU C 113 -21.69 -34.47 -21.02
C LEU C 113 -20.50 -35.39 -20.75
N GLY C 114 -20.62 -36.17 -19.70
CA GLY C 114 -19.57 -37.11 -19.33
C GLY C 114 -19.52 -37.25 -17.83
N THR C 115 -18.47 -37.92 -17.37
CA THR C 115 -18.27 -38.05 -15.94
C THR C 115 -17.42 -36.89 -15.42
N TYR C 116 -17.51 -36.65 -14.12
CA TYR C 116 -16.66 -35.64 -13.49
C TYR C 116 -16.29 -36.12 -12.10
N ARG C 117 -15.08 -35.75 -11.69
CA ARG C 117 -14.51 -36.14 -10.40
C ARG C 117 -13.97 -34.97 -9.59
N GLN C 118 -13.93 -33.78 -10.15
CA GLN C 118 -13.52 -32.62 -9.39
C GLN C 118 -14.61 -31.57 -9.43
N VAL C 119 -14.81 -30.96 -8.29
CA VAL C 119 -15.79 -29.93 -8.04
C VAL C 119 -15.10 -28.75 -7.38
N GLY C 120 -15.41 -27.54 -7.84
CA GLY C 120 -14.79 -26.35 -7.30
C GLY C 120 -15.69 -25.13 -7.35
N PHE C 121 -15.30 -24.07 -6.62
CA PHE C 121 -15.84 -22.74 -6.81
C PHE C 121 -14.73 -21.71 -6.99
N VAL C 122 -14.96 -20.85 -7.97
CA VAL C 122 -14.08 -19.74 -8.33
C VAL C 122 -14.83 -18.44 -8.05
N MET C 123 -14.07 -17.37 -7.89
CA MET C 123 -14.61 -16.02 -7.85
C MET C 123 -13.90 -15.17 -8.88
N ASP C 124 -14.46 -13.97 -9.14
CA ASP C 124 -13.92 -13.04 -10.15
C ASP C 124 -13.83 -13.64 -11.56
N LEU C 125 -14.75 -14.54 -11.91
CA LEU C 125 -14.78 -15.06 -13.27
C LEU C 125 -15.41 -13.99 -14.18
N VAL C 126 -14.84 -13.85 -15.38
CA VAL C 126 -15.30 -12.88 -16.38
C VAL C 126 -15.51 -13.61 -17.71
N ALA C 127 -16.72 -13.54 -18.26
CA ALA C 127 -16.97 -14.22 -19.51
C ALA C 127 -16.42 -13.36 -20.66
N LYS C 128 -16.15 -14.00 -21.80
CA LYS C 128 -15.74 -13.23 -22.97
C LYS C 128 -16.85 -12.25 -23.34
N SER C 129 -16.44 -11.15 -23.97
CA SER C 129 -17.38 -10.07 -24.19
C SER C 129 -18.59 -10.56 -25.00
N GLY C 130 -19.76 -10.06 -24.62
CA GLY C 130 -20.99 -10.37 -25.32
C GLY C 130 -21.62 -11.69 -24.99
N ILE C 131 -21.12 -12.38 -23.95
CA ILE C 131 -21.72 -13.58 -23.42
C ILE C 131 -22.25 -13.27 -22.02
N SER C 132 -23.52 -13.58 -21.79
CA SER C 132 -24.20 -13.37 -20.53
C SER C 132 -24.89 -14.64 -20.01
N LYS C 133 -24.76 -15.77 -20.71
CA LYS C 133 -25.29 -17.02 -20.19
C LYS C 133 -24.48 -17.47 -18.98
N PHE C 134 -25.11 -18.26 -18.13
CA PHE C 134 -24.49 -18.67 -16.89
C PHE C 134 -23.65 -19.93 -17.05
N ASN C 135 -23.72 -20.60 -18.18
CA ASN C 135 -23.02 -21.86 -18.43
C ASN C 135 -21.95 -21.64 -19.49
N LEU C 136 -20.68 -21.82 -19.09
CA LEU C 136 -19.52 -21.45 -19.91
C LEU C 136 -18.56 -22.62 -20.01
N VAL C 137 -18.14 -22.96 -21.23
CA VAL C 137 -16.99 -23.84 -21.40
C VAL C 137 -15.74 -22.97 -21.35
N PRO C 138 -14.57 -23.56 -21.14
CA PRO C 138 -13.34 -22.73 -21.01
C PRO C 138 -13.16 -21.72 -22.14
N SER C 139 -13.50 -22.07 -23.38
CA SER C 139 -13.28 -21.15 -24.50
C SER C 139 -14.16 -19.91 -24.46
N GLU C 140 -15.19 -19.88 -23.60
CA GLU C 140 -16.06 -18.72 -23.47
C GLU C 140 -15.70 -17.84 -22.27
N VAL C 141 -14.63 -18.16 -21.54
CA VAL C 141 -14.26 -17.42 -20.35
C VAL C 141 -13.10 -16.51 -20.72
N GLU C 142 -13.21 -15.23 -20.38
CA GLU C 142 -12.07 -14.33 -20.60
C GLU C 142 -11.03 -14.51 -19.49
N SER C 143 -11.48 -14.47 -18.24
CA SER C 143 -10.63 -14.68 -17.07
C SER C 143 -11.31 -15.65 -16.12
N THR C 144 -10.58 -16.70 -15.70
CA THR C 144 -11.19 -17.67 -14.79
C THR C 144 -11.24 -17.17 -13.35
N GLY C 145 -10.67 -16.01 -13.07
CA GLY C 145 -10.65 -15.52 -11.69
C GLY C 145 -9.72 -16.31 -10.78
N THR C 146 -10.20 -16.63 -9.59
CA THR C 146 -9.41 -17.35 -8.60
C THR C 146 -10.21 -18.57 -8.14
N LEU C 147 -9.63 -19.76 -8.32
CA LEU C 147 -10.20 -20.98 -7.76
C LEU C 147 -10.02 -20.92 -6.24
N LEU C 148 -11.12 -20.90 -5.50
CA LEU C 148 -11.09 -20.71 -4.05
C LEU C 148 -11.09 -22.01 -3.27
N PHE C 149 -12.05 -22.88 -3.56
CA PHE C 149 -12.24 -24.15 -2.83
C PHE C 149 -12.46 -25.27 -3.84
N PHE C 150 -11.95 -26.46 -3.57
CA PHE C 150 -12.30 -27.57 -4.44
C PHE C 150 -12.10 -28.89 -3.70
N ASP C 151 -12.62 -29.95 -4.32
CA ASP C 151 -12.54 -31.30 -3.78
C ASP C 151 -12.40 -32.32 -4.91
N ASN C 152 -11.77 -33.43 -4.59
CA ASN C 152 -11.60 -34.56 -5.49
C ASN C 152 -12.56 -35.64 -5.00
N LYS C 153 -13.44 -36.10 -5.87
CA LYS C 153 -14.47 -37.04 -5.48
C LYS C 153 -14.44 -38.27 -6.37
N GLN C 154 -15.22 -39.28 -6.01
CA GLN C 154 -15.48 -40.38 -6.93
C GLN C 154 -16.38 -39.91 -8.05
N PHE C 155 -16.28 -40.57 -9.19
CA PHE C 155 -16.94 -40.08 -10.39
C PHE C 155 -18.45 -39.99 -10.21
N GLN C 156 -19.03 -38.97 -10.84
CA GLN C 156 -20.45 -38.92 -11.09
C GLN C 156 -20.63 -38.75 -12.60
N ASN C 157 -21.74 -39.27 -13.11
CA ASN C 157 -22.07 -39.17 -14.53
C ASN C 157 -23.02 -38.02 -14.72
N ARG C 158 -23.00 -37.43 -15.90
CA ARG C 158 -23.96 -36.41 -16.33
C ARG C 158 -24.51 -36.80 -17.68
N SER C 159 -25.84 -36.79 -17.82
CA SER C 159 -26.53 -37.09 -19.07
C SER C 159 -27.44 -35.94 -19.47
N GLU C 160 -28.00 -36.05 -20.67
CA GLU C 160 -28.91 -35.03 -21.19
C GLU C 160 -30.12 -34.82 -20.28
N GLN C 161 -30.50 -35.84 -19.53
CA GLN C 161 -31.67 -35.78 -18.68
C GLN C 161 -31.37 -35.34 -17.25
N THR C 162 -30.11 -35.41 -16.80
CA THR C 162 -29.79 -35.26 -15.40
C THR C 162 -29.55 -33.80 -15.02
N THR C 163 -29.69 -33.52 -13.74
CA THR C 163 -29.22 -32.27 -13.17
C THR C 163 -28.20 -32.62 -12.10
N ALA C 164 -27.05 -31.98 -12.17
CA ALA C 164 -25.98 -32.22 -11.21
C ALA C 164 -25.96 -31.02 -10.26
N LYS C 165 -26.24 -31.28 -9.00
CA LYS C 165 -26.25 -30.25 -7.98
C LYS C 165 -25.03 -30.50 -7.11
N GLU C 166 -24.26 -29.44 -6.83
CA GLU C 166 -23.03 -29.53 -6.05
C GLU C 166 -23.00 -28.37 -5.05
N ARG C 167 -22.67 -28.67 -3.78
CA ARG C 167 -22.71 -27.70 -2.69
C ARG C 167 -21.48 -27.91 -1.82
N PHE C 168 -20.94 -26.82 -1.29
CA PHE C 168 -19.92 -26.83 -0.26
C PHE C 168 -20.38 -25.96 0.89
N ILE C 169 -20.03 -26.35 2.10
CA ILE C 169 -19.98 -25.43 3.24
C ILE C 169 -18.53 -25.41 3.68
N VAL C 170 -17.93 -24.21 3.74
CA VAL C 170 -16.53 -24.02 4.10
C VAL C 170 -16.38 -22.89 5.10
N GLU C 171 -15.31 -22.96 5.89
CA GLU C 171 -14.86 -21.82 6.70
C GLU C 171 -13.43 -21.44 6.34
N VAL C 172 -13.05 -20.20 6.67
CA VAL C 172 -11.78 -19.65 6.19
C VAL C 172 -10.60 -20.34 6.86
N ASP C 173 -10.70 -20.64 8.14
CA ASP C 173 -9.66 -21.37 8.86
C ASP C 173 -10.32 -22.45 9.71
N PRO C 174 -10.32 -23.70 9.26
CA PRO C 174 -10.81 -24.83 10.07
C PRO C 174 -9.71 -25.37 10.99
N ALA D 1 27.12 43.69 -11.60
CA ALA D 1 27.13 43.15 -12.94
C ALA D 1 25.82 42.42 -13.25
N ILE D 2 25.44 42.34 -14.52
CA ILE D 2 24.23 41.64 -14.94
C ILE D 2 24.64 40.42 -15.75
N ALA D 3 23.81 39.40 -15.71
CA ALA D 3 23.92 38.30 -16.65
C ALA D 3 23.33 38.72 -17.98
N THR D 4 23.93 38.23 -19.05
CA THR D 4 23.39 38.48 -20.38
C THR D 4 22.27 37.50 -20.73
N TYR D 5 21.48 37.88 -21.72
CA TYR D 5 20.49 36.98 -22.27
C TYR D 5 21.13 35.69 -22.74
N ASN D 6 22.27 35.78 -23.44
CA ASN D 6 22.81 34.52 -23.95
C ASN D 6 23.47 33.66 -22.87
N SER D 7 23.90 34.23 -21.75
CA SER D 7 24.34 33.36 -20.67
C SER D 7 23.20 32.45 -20.25
N HIS D 8 21.96 32.96 -20.24
CA HIS D 8 20.80 32.13 -19.92
C HIS D 8 20.60 31.03 -20.96
N VAL D 9 20.84 31.34 -22.24
CA VAL D 9 20.74 30.34 -23.29
C VAL D 9 21.75 29.24 -23.06
N GLU D 10 22.99 29.62 -22.74
CA GLU D 10 24.05 28.62 -22.57
C GLU D 10 23.80 27.73 -21.35
N LEU D 11 23.24 28.29 -20.30
CA LEU D 11 22.88 27.46 -19.13
C LEU D 11 21.71 26.54 -19.44
N ALA D 12 20.74 27.01 -20.22
CA ALA D 12 19.66 26.13 -20.70
C ALA D 12 20.22 25.01 -21.56
N LYS D 13 21.17 25.31 -22.43
CA LYS D 13 21.77 24.27 -23.24
C LYS D 13 22.46 23.23 -22.37
N TYR D 14 23.12 23.68 -21.32
CA TYR D 14 23.81 22.76 -20.42
C TYR D 14 22.84 21.75 -19.80
N LEU D 15 21.74 22.24 -19.26
CA LEU D 15 20.69 21.36 -18.72
C LEU D 15 20.13 20.39 -19.77
N VAL D 16 19.86 20.87 -20.99
CA VAL D 16 19.38 19.98 -22.05
C VAL D 16 20.43 18.93 -22.36
N SER D 17 21.72 19.29 -22.25
CA SER D 17 22.79 18.32 -22.49
C SER D 17 22.80 17.20 -21.47
N LYS D 18 22.11 17.36 -20.35
CA LYS D 18 22.05 16.28 -19.36
C LYS D 18 20.83 15.37 -19.57
N ALA D 19 20.17 15.47 -20.72
CA ALA D 19 18.91 14.78 -20.93
C ALA D 19 18.95 13.33 -20.50
N ASP D 20 20.06 12.63 -20.78
CA ASP D 20 20.04 11.19 -20.56
C ASP D 20 20.02 10.79 -19.09
N SER D 21 20.22 11.73 -18.17
CA SER D 21 20.17 11.43 -16.75
C SER D 21 19.03 12.16 -16.05
N VAL D 22 18.07 12.68 -16.82
CA VAL D 22 16.95 13.47 -16.29
C VAL D 22 15.76 12.54 -16.12
N TYR D 23 15.14 12.62 -14.96
CA TYR D 23 14.01 11.81 -14.59
C TYR D 23 12.92 12.69 -14.02
N LEU D 24 11.67 12.47 -14.44
CA LEU D 24 10.53 12.94 -13.68
C LEU D 24 10.55 12.23 -12.33
N THR D 25 10.17 12.95 -11.29
CA THR D 25 9.89 12.32 -9.99
C THR D 25 8.54 12.82 -9.52
N ILE D 26 7.77 11.96 -8.86
CA ILE D 26 6.49 12.31 -8.28
C ILE D 26 6.51 11.87 -6.82
N GLY D 27 5.81 12.62 -6.00
CA GLY D 27 5.71 12.28 -4.59
C GLY D 27 4.50 12.93 -3.93
N LYS D 28 4.52 12.91 -2.59
CA LYS D 28 3.46 13.43 -1.73
C LYS D 28 2.14 12.67 -1.99
N SER D 29 2.15 11.45 -1.48
CA SER D 29 1.06 10.51 -1.72
C SER D 29 0.02 10.52 -0.61
N THR D 30 0.17 11.33 0.42
CA THR D 30 -0.85 11.62 1.42
C THR D 30 -1.24 13.08 1.29
N PRO D 31 -2.37 13.48 1.91
CA PRO D 31 -2.89 14.84 1.74
C PRO D 31 -2.01 15.94 2.30
N TRP D 32 -2.14 17.11 1.66
CA TRP D 32 -1.70 18.38 2.18
C TRP D 32 -2.60 18.76 3.36
N SER D 33 -2.11 19.63 4.24
CA SER D 33 -2.96 20.10 5.32
C SER D 33 -4.25 20.68 4.77
N ASN D 34 -4.16 21.39 3.64
CA ASN D 34 -5.30 21.92 2.91
C ASN D 34 -5.22 21.42 1.46
N GLU D 35 -6.11 20.46 1.10
CA GLU D 35 -5.97 19.80 -0.20
C GLU D 35 -6.22 20.72 -1.38
N THR D 36 -6.97 21.81 -1.18
CA THR D 36 -7.23 22.78 -2.23
C THR D 36 -6.28 23.98 -2.21
N ASN D 37 -5.33 24.04 -1.29
CA ASN D 37 -4.33 25.11 -1.31
C ASN D 37 -2.98 24.54 -0.88
N PRO D 38 -2.25 23.95 -1.83
CA PRO D 38 -0.94 23.37 -1.49
C PRO D 38 0.01 24.43 -0.98
N PRO D 39 0.94 24.05 -0.11
CA PRO D 39 1.97 24.99 0.31
C PRO D 39 2.81 25.45 -0.87
N GLN D 40 3.31 26.67 -0.78
CA GLN D 40 4.17 27.20 -1.83
C GLN D 40 5.47 26.41 -1.85
N PRO D 41 6.05 26.15 -3.03
CA PRO D 41 7.25 25.30 -3.08
C PRO D 41 8.45 26.00 -2.47
N ASP D 42 9.25 25.23 -1.74
CA ASP D 42 10.42 25.72 -1.04
C ASP D 42 11.66 25.48 -1.91
N GLU D 43 12.27 26.58 -2.37
CA GLU D 43 13.47 26.54 -3.20
C GLU D 43 14.56 25.69 -2.56
N ASN D 44 14.51 25.47 -1.25
CA ASN D 44 15.60 24.79 -0.55
C ASN D 44 15.41 23.28 -0.50
N ALA D 45 14.28 22.77 -1.00
CA ALA D 45 14.08 21.33 -1.07
C ALA D 45 15.10 20.69 -1.99
N THR D 46 15.47 19.46 -1.64
CA THR D 46 16.39 18.63 -2.39
C THR D 46 15.78 17.32 -2.83
N VAL D 47 14.59 16.98 -2.33
CA VAL D 47 13.88 15.77 -2.70
C VAL D 47 12.40 16.04 -2.46
N LEU D 48 11.54 15.35 -3.20
CA LEU D 48 10.12 15.47 -2.93
C LEU D 48 9.78 14.78 -1.61
N GLN D 49 8.70 15.19 -1.00
CA GLN D 49 8.12 14.44 0.11
C GLN D 49 7.59 13.10 -0.35
N GLU D 50 7.69 12.10 0.51
CA GLU D 50 7.00 10.82 0.30
C GLU D 50 7.20 10.32 -1.13
N VAL D 51 8.47 10.23 -1.54
CA VAL D 51 8.79 9.92 -2.94
C VAL D 51 8.11 8.63 -3.36
N ILE D 52 7.44 8.70 -4.51
CA ILE D 52 6.83 7.53 -5.14
C ILE D 52 7.81 6.86 -6.09
N GLY D 53 8.50 7.64 -6.90
CA GLY D 53 9.47 7.05 -7.78
C GLY D 53 9.95 8.01 -8.85
N TYR D 54 10.59 7.42 -9.85
CA TYR D 54 11.27 8.15 -10.88
C TYR D 54 10.95 7.50 -12.22
N LYS D 55 10.87 8.32 -13.26
CA LYS D 55 10.66 7.80 -14.60
C LYS D 55 11.52 8.62 -15.56
N LYS D 56 12.35 7.93 -16.33
CA LYS D 56 13.25 8.67 -17.22
C LYS D 56 12.46 9.62 -18.12
N ALA D 57 13.01 10.81 -18.33
CA ALA D 57 12.31 11.82 -19.11
C ALA D 57 12.18 11.34 -20.55
N THR D 58 11.02 11.58 -21.14
CA THR D 58 10.76 11.19 -22.51
C THR D 58 11.16 12.29 -23.48
N LYS D 59 11.18 13.54 -23.02
CA LYS D 59 11.64 14.65 -23.85
C LYS D 59 12.29 15.73 -23.03
N VAL D 60 13.46 16.20 -23.47
CA VAL D 60 14.20 17.29 -22.83
C VAL D 60 14.72 18.16 -23.96
N THR D 61 14.25 19.38 -24.05
CA THR D 61 14.61 20.15 -25.22
C THR D 61 14.48 21.62 -24.89
N LEU D 62 15.27 22.42 -25.61
CA LEU D 62 15.08 23.86 -25.63
C LEU D 62 13.82 24.19 -26.41
N VAL D 63 13.16 25.28 -26.02
CA VAL D 63 12.00 25.81 -26.74
C VAL D 63 12.03 27.33 -26.63
N ARG D 64 11.19 27.98 -27.43
CA ARG D 64 10.88 29.40 -27.34
C ARG D 64 9.42 29.60 -27.70
N PRO D 65 8.83 30.73 -27.29
CA PRO D 65 7.46 31.02 -27.72
C PRO D 65 7.37 31.08 -29.23
N SER D 66 6.26 30.59 -29.77
CA SER D 66 6.07 30.59 -31.21
C SER D 66 5.68 31.99 -31.68
N LYS D 67 6.11 32.32 -32.89
CA LYS D 67 5.73 33.56 -33.55
C LYS D 67 4.64 33.24 -34.58
N SER D 68 3.63 34.11 -34.64
CA SER D 68 2.32 33.68 -35.14
C SER D 68 2.33 33.25 -36.60
N PRO D 69 2.85 34.05 -37.57
CA PRO D 69 2.83 33.57 -38.96
C PRO D 69 3.97 32.63 -39.35
N GLU D 70 5.21 32.89 -38.88
CA GLU D 70 6.38 32.22 -39.44
C GLU D 70 6.57 30.78 -38.92
N ASP D 71 6.13 30.49 -37.70
CA ASP D 71 6.28 29.13 -37.16
C ASP D 71 5.12 28.20 -37.53
N ASP D 72 4.12 28.69 -38.27
CA ASP D 72 2.85 27.98 -38.34
C ASP D 72 2.93 26.67 -39.14
N ASN D 73 4.04 26.40 -39.83
CA ASN D 73 4.26 25.12 -40.50
C ASN D 73 5.10 24.15 -39.66
N LYS D 74 5.22 24.41 -38.36
CA LYS D 74 5.94 23.54 -37.44
C LYS D 74 4.97 22.83 -36.52
N ASN D 75 5.50 21.82 -35.82
CA ASN D 75 4.77 21.13 -34.76
C ASN D 75 4.86 21.98 -33.49
N LEU D 76 3.77 22.59 -33.12
CA LEU D 76 3.75 23.50 -31.98
C LEU D 76 3.40 22.76 -30.70
N ILE D 77 3.98 23.23 -29.60
CA ILE D 77 3.73 22.73 -28.26
C ILE D 77 2.84 23.74 -27.56
N SER D 78 1.81 23.26 -26.88
CA SER D 78 0.90 24.12 -26.14
C SER D 78 1.11 23.91 -24.65
N TYR D 79 1.35 24.99 -23.94
CA TYR D 79 1.69 24.92 -22.53
C TYR D 79 1.47 26.29 -21.93
N GLY D 80 0.86 26.32 -20.75
CA GLY D 80 0.67 27.57 -20.03
C GLY D 80 -0.05 28.63 -20.83
N ASN D 81 -1.07 28.24 -21.61
CA ASN D 81 -1.92 29.15 -22.39
C ASN D 81 -1.17 29.76 -23.56
N LYS D 82 0.07 29.34 -23.84
CA LYS D 82 0.91 29.92 -24.87
C LYS D 82 1.30 28.83 -25.86
N SER D 83 1.88 29.23 -26.98
CA SER D 83 2.39 28.25 -27.94
C SER D 83 3.92 28.34 -27.99
N TRP D 84 4.56 27.20 -28.24
CA TRP D 84 6.02 27.09 -28.18
C TRP D 84 6.50 26.20 -29.30
N VAL D 85 7.75 26.40 -29.74
CA VAL D 85 8.37 25.51 -30.70
C VAL D 85 9.72 25.03 -30.18
N GLU D 86 10.12 23.85 -30.63
CA GLU D 86 11.39 23.26 -30.27
C GLU D 86 12.52 23.90 -31.07
N VAL D 87 13.68 24.03 -30.43
CA VAL D 87 14.88 24.66 -31.00
C VAL D 87 16.07 23.75 -30.73
N THR D 88 16.89 23.50 -31.75
CA THR D 88 18.05 22.67 -31.57
C THR D 88 19.16 23.45 -30.89
N PRO D 89 20.08 22.78 -30.21
CA PRO D 89 21.16 23.52 -29.55
C PRO D 89 21.94 24.43 -30.50
N GLU D 90 22.20 23.99 -31.73
CA GLU D 90 23.00 24.81 -32.63
C GLU D 90 22.27 26.11 -33.03
N ASN D 91 20.94 26.12 -32.98
CA ASN D 91 20.15 27.31 -33.28
C ASN D 91 19.74 28.11 -32.05
N ALA D 92 20.15 27.69 -30.85
CA ALA D 92 19.61 28.28 -29.64
C ALA D 92 19.90 29.77 -29.53
N LYS D 93 21.14 30.18 -29.84
CA LYS D 93 21.46 31.61 -29.74
C LYS D 93 20.68 32.43 -30.75
N ALA D 94 20.60 31.96 -31.99
CA ALA D 94 19.89 32.73 -33.00
C ALA D 94 18.42 32.87 -32.65
N GLU D 95 17.80 31.85 -32.06
CA GLU D 95 16.37 31.93 -31.74
C GLU D 95 16.06 32.44 -30.34
N GLY D 96 17.09 32.69 -29.52
CA GLY D 96 16.85 33.20 -28.18
C GLY D 96 16.31 32.16 -27.21
N ALA D 97 16.66 30.89 -27.40
CA ALA D 97 15.97 29.80 -26.71
C ALA D 97 16.60 29.60 -25.33
N LYS D 98 16.04 30.27 -24.32
CA LYS D 98 16.44 30.11 -22.92
C LYS D 98 15.46 29.32 -22.06
N TRP D 99 14.44 28.68 -22.67
CA TRP D 99 13.48 27.85 -21.97
C TRP D 99 13.83 26.37 -22.16
N VAL D 100 13.57 25.56 -21.14
CA VAL D 100 13.78 24.12 -21.20
C VAL D 100 12.42 23.43 -21.05
N TYR D 101 12.13 22.49 -21.94
CA TYR D 101 10.95 21.67 -21.90
C TYR D 101 11.32 20.29 -21.40
N LEU D 102 10.68 19.88 -20.31
CA LEU D 102 10.86 18.57 -19.72
C LEU D 102 9.51 17.84 -19.69
N GLU D 103 9.52 16.56 -20.04
CA GLU D 103 8.31 15.77 -20.03
C GLU D 103 8.65 14.32 -19.70
N SER D 104 7.71 13.63 -19.04
CA SER D 104 7.71 12.19 -18.99
C SER D 104 6.30 11.67 -18.77
N SER D 105 6.13 10.36 -18.88
CA SER D 105 4.83 9.74 -18.66
C SER D 105 4.98 8.50 -17.80
N ILE D 106 4.06 8.34 -16.84
CA ILE D 106 4.04 7.18 -15.98
C ILE D 106 2.81 6.34 -16.34
N VAL D 107 3.05 5.13 -16.84
CA VAL D 107 2.03 4.27 -17.43
C VAL D 107 1.56 3.26 -16.38
N GLY D 108 0.33 3.41 -15.90
CA GLY D 108 -0.22 2.36 -15.05
C GLY D 108 0.59 2.18 -13.78
N ASP D 109 0.85 0.93 -13.39
CA ASP D 109 1.51 0.62 -12.13
C ASP D 109 3.03 0.38 -12.28
N GLU D 110 3.67 0.94 -13.31
CA GLU D 110 5.13 0.91 -13.35
C GLU D 110 5.74 1.68 -12.16
N LEU D 111 4.95 2.47 -11.45
CA LEU D 111 5.25 2.85 -10.09
C LEU D 111 4.05 2.55 -9.22
N PRO D 112 4.24 2.24 -7.93
CA PRO D 112 3.08 1.97 -7.05
C PRO D 112 1.99 3.02 -7.22
N LEU D 113 0.75 2.55 -7.24
CA LEU D 113 -0.43 3.37 -7.43
C LEU D 113 -0.78 4.16 -6.18
N GLY D 114 -1.60 5.17 -6.40
CA GLY D 114 -2.03 6.05 -5.35
C GLY D 114 -2.15 7.44 -5.94
N THR D 115 -2.36 8.40 -5.06
CA THR D 115 -2.39 9.81 -5.43
C THR D 115 -0.97 10.42 -5.32
N TYR D 116 -0.76 11.52 -6.05
CA TYR D 116 0.46 12.30 -5.98
C TYR D 116 0.16 13.79 -6.07
N ARG D 117 0.99 14.56 -5.39
CA ARG D 117 0.84 16.01 -5.35
C ARG D 117 2.11 16.78 -5.65
N GLN D 118 3.25 16.15 -5.71
CA GLN D 118 4.45 16.87 -6.07
C GLN D 118 4.97 16.30 -7.37
N VAL D 119 5.48 17.18 -8.21
CA VAL D 119 6.05 16.82 -9.51
C VAL D 119 7.42 17.48 -9.63
N GLY D 120 8.44 16.75 -10.08
CA GLY D 120 9.71 17.42 -10.30
C GLY D 120 10.56 16.73 -11.35
N PHE D 121 11.68 17.38 -11.69
CA PHE D 121 12.70 16.74 -12.51
C PHE D 121 14.07 16.82 -11.84
N VAL D 122 14.77 15.68 -11.82
CA VAL D 122 16.13 15.57 -11.32
C VAL D 122 17.07 15.34 -12.49
N MET D 123 18.34 15.75 -12.34
CA MET D 123 19.39 15.25 -13.21
C MET D 123 20.43 14.46 -12.43
N ASP D 124 21.27 13.75 -13.18
CA ASP D 124 22.37 12.92 -12.64
C ASP D 124 21.87 11.78 -11.77
N LEU D 125 20.66 11.30 -12.01
CA LEU D 125 20.18 10.11 -11.32
C LEU D 125 20.97 8.87 -11.76
N VAL D 126 21.30 8.01 -10.81
CA VAL D 126 22.02 6.76 -11.05
C VAL D 126 21.26 5.61 -10.39
N ALA D 127 20.87 4.63 -11.20
CA ALA D 127 20.18 3.46 -10.68
C ALA D 127 21.17 2.47 -10.09
N LYS D 128 20.68 1.60 -9.21
CA LYS D 128 21.58 0.60 -8.64
C LYS D 128 22.11 -0.32 -9.75
N SER D 129 23.25 -0.95 -9.46
CA SER D 129 23.92 -1.78 -10.46
C SER D 129 22.96 -2.82 -11.03
N GLY D 130 23.02 -2.99 -12.34
CA GLY D 130 22.27 -4.01 -13.02
C GLY D 130 20.86 -3.65 -13.38
N ILE D 131 20.37 -2.50 -12.94
CA ILE D 131 18.99 -2.09 -13.22
C ILE D 131 19.03 -1.14 -14.41
N SER D 132 18.32 -1.50 -15.48
CA SER D 132 18.32 -0.75 -16.73
C SER D 132 17.00 -0.07 -17.02
N LYS D 133 15.93 -0.48 -16.35
CA LYS D 133 14.60 0.03 -16.65
C LYS D 133 14.48 1.53 -16.35
N PHE D 134 13.49 2.16 -16.99
CA PHE D 134 13.29 3.59 -16.92
C PHE D 134 12.40 4.01 -15.75
N ASN D 135 11.73 3.06 -15.09
CA ASN D 135 10.80 3.29 -13.98
C ASN D 135 11.41 2.73 -12.71
N LEU D 136 11.67 3.59 -11.72
CA LEU D 136 12.48 3.24 -10.56
C LEU D 136 11.79 3.71 -9.29
N VAL D 137 11.60 2.80 -8.33
CA VAL D 137 11.24 3.24 -6.98
C VAL D 137 12.51 3.53 -6.20
N PRO D 138 12.41 4.17 -5.03
CA PRO D 138 13.62 4.65 -4.34
C PRO D 138 14.58 3.56 -3.94
N SER D 139 14.10 2.36 -3.59
CA SER D 139 15.00 1.26 -3.26
C SER D 139 15.88 0.82 -4.43
N GLU D 140 15.51 1.20 -5.65
CA GLU D 140 16.25 0.89 -6.85
C GLU D 140 17.23 1.98 -7.28
N VAL D 141 17.29 3.11 -6.57
CA VAL D 141 18.12 4.24 -6.98
C VAL D 141 19.38 4.28 -6.12
N GLU D 142 20.53 4.30 -6.78
CA GLU D 142 21.79 4.49 -6.07
C GLU D 142 21.96 5.95 -5.66
N SER D 143 21.81 6.85 -6.63
CA SER D 143 21.95 8.28 -6.38
C SER D 143 20.80 9.00 -7.06
N THR D 144 20.06 9.80 -6.30
CA THR D 144 18.94 10.55 -6.88
C THR D 144 19.37 11.81 -7.64
N GLY D 145 20.67 12.15 -7.63
CA GLY D 145 21.15 13.33 -8.35
C GLY D 145 20.69 14.63 -7.71
N THR D 146 20.41 15.64 -8.55
CA THR D 146 19.98 16.96 -8.09
C THR D 146 18.56 17.26 -8.58
N LEU D 147 17.65 17.52 -7.64
CA LEU D 147 16.34 18.06 -7.97
C LEU D 147 16.53 19.47 -8.53
N LEU D 148 16.11 19.67 -9.77
CA LEU D 148 16.35 20.91 -10.48
C LEU D 148 15.16 21.87 -10.41
N PHE D 149 13.96 21.36 -10.73
CA PHE D 149 12.73 22.11 -10.72
C PHE D 149 11.65 21.23 -10.10
N PHE D 150 10.67 21.86 -9.46
CA PHE D 150 9.53 21.11 -8.95
C PHE D 150 8.36 22.07 -8.67
N ASP D 151 7.21 21.45 -8.44
CA ASP D 151 6.01 22.20 -8.12
C ASP D 151 5.11 21.39 -7.20
N ASN D 152 4.34 22.11 -6.39
CA ASN D 152 3.38 21.54 -5.46
C ASN D 152 1.99 21.79 -6.06
N LYS D 153 1.25 20.71 -6.31
CA LYS D 153 0.00 20.78 -7.03
C LYS D 153 -1.12 20.14 -6.21
N GLN D 154 -2.37 20.33 -6.64
CA GLN D 154 -3.45 19.54 -6.07
C GLN D 154 -3.35 18.09 -6.53
N PHE D 155 -3.92 17.19 -5.72
CA PHE D 155 -3.70 15.77 -5.95
C PHE D 155 -4.22 15.33 -7.32
N GLN D 156 -3.59 14.28 -7.85
CA GLN D 156 -4.05 13.56 -9.03
C GLN D 156 -3.95 12.09 -8.72
N ASN D 157 -4.85 11.31 -9.30
CA ASN D 157 -4.89 9.89 -9.02
C ASN D 157 -4.16 9.13 -10.11
N ARG D 158 -3.65 7.96 -9.73
CA ARG D 158 -3.03 7.01 -10.64
C ARG D 158 -3.62 5.65 -10.36
N SER D 159 -4.11 5.00 -11.41
CA SER D 159 -4.75 3.70 -11.35
C SER D 159 -4.09 2.78 -12.37
N GLU D 160 -4.46 1.49 -12.35
CA GLU D 160 -3.80 0.56 -13.26
C GLU D 160 -4.06 0.91 -14.72
N GLN D 161 -5.17 1.53 -15.02
CA GLN D 161 -5.53 1.71 -16.42
C GLN D 161 -5.03 3.02 -17.01
N THR D 162 -4.50 3.93 -16.20
CA THR D 162 -4.27 5.28 -16.66
C THR D 162 -2.80 5.59 -16.82
N THR D 163 -2.55 6.69 -17.51
CA THR D 163 -1.21 7.19 -17.72
C THR D 163 -1.15 8.61 -17.21
N ALA D 164 -0.05 8.94 -16.52
CA ALA D 164 0.19 10.27 -15.98
C ALA D 164 1.34 10.91 -16.74
N LYS D 165 1.03 12.00 -17.42
CA LYS D 165 1.95 12.76 -18.21
C LYS D 165 2.17 14.08 -17.51
N GLU D 166 3.41 14.43 -17.29
CA GLU D 166 3.78 15.67 -16.64
C GLU D 166 4.86 16.35 -17.44
N ARG D 167 4.72 17.66 -17.59
CA ARG D 167 5.72 18.44 -18.27
C ARG D 167 5.84 19.81 -17.64
N PHE D 168 7.05 20.38 -17.77
CA PHE D 168 7.37 21.73 -17.39
C PHE D 168 7.98 22.48 -18.59
N ILE D 169 7.78 23.77 -18.64
CA ILE D 169 8.64 24.67 -19.36
C ILE D 169 9.19 25.67 -18.35
N VAL D 170 10.51 25.83 -18.32
CA VAL D 170 11.18 26.68 -17.32
C VAL D 170 12.29 27.48 -18.00
N GLU D 171 12.45 28.74 -17.59
CA GLU D 171 13.65 29.50 -17.94
C GLU D 171 14.56 29.65 -16.73
N VAL D 172 15.84 29.89 -17.03
CA VAL D 172 16.89 29.91 -16.02
C VAL D 172 16.73 31.11 -15.08
N ASP D 173 16.50 32.31 -15.63
CA ASP D 173 16.34 33.52 -14.82
C ASP D 173 14.95 34.09 -15.06
N PRO D 174 13.91 33.58 -14.35
CA PRO D 174 12.55 34.14 -14.47
C PRO D 174 12.35 35.41 -13.64
N ALA E 1 47.31 -14.48 -27.46
CA ALA E 1 47.00 -15.82 -26.97
C ALA E 1 45.77 -16.37 -27.69
N ILE E 2 45.67 -17.70 -27.86
CA ILE E 2 44.47 -18.33 -28.39
C ILE E 2 43.80 -19.09 -27.25
N ALA E 3 42.49 -19.29 -27.40
CA ALA E 3 41.74 -20.24 -26.57
C ALA E 3 41.95 -21.67 -27.07
N THR E 4 41.87 -22.63 -26.16
CA THR E 4 42.01 -24.02 -26.55
C THR E 4 40.65 -24.64 -26.86
N TYR E 5 40.69 -25.74 -27.63
CA TYR E 5 39.47 -26.53 -27.84
C TYR E 5 38.80 -26.86 -26.51
N ASN E 6 39.58 -27.24 -25.52
CA ASN E 6 38.95 -27.69 -24.30
C ASN E 6 38.42 -26.53 -23.47
N SER E 7 38.92 -25.30 -23.65
CA SER E 7 38.19 -24.20 -23.03
C SER E 7 36.78 -24.05 -23.61
N HIS E 8 36.60 -24.30 -24.90
CA HIS E 8 35.27 -24.26 -25.52
C HIS E 8 34.35 -25.36 -25.00
N VAL E 9 34.89 -26.55 -24.76
CA VAL E 9 34.13 -27.60 -24.08
C VAL E 9 33.70 -27.16 -22.69
N GLU E 10 34.61 -26.61 -21.90
CA GLU E 10 34.25 -26.23 -20.54
C GLU E 10 33.19 -25.15 -20.49
N LEU E 11 33.24 -24.24 -21.44
CA LEU E 11 32.22 -23.20 -21.53
C LEU E 11 30.89 -23.79 -22.01
N ALA E 12 30.93 -24.75 -22.91
CA ALA E 12 29.71 -25.45 -23.27
C ALA E 12 29.17 -26.20 -22.07
N LYS E 13 30.03 -26.83 -21.26
CA LYS E 13 29.54 -27.50 -20.06
C LYS E 13 28.85 -26.52 -19.14
N TYR E 14 29.39 -25.30 -19.06
CA TYR E 14 28.84 -24.33 -18.12
C TYR E 14 27.41 -23.96 -18.51
N LEU E 15 27.17 -23.62 -19.76
CA LEU E 15 25.82 -23.37 -20.25
C LEU E 15 24.89 -24.54 -20.00
N VAL E 16 25.37 -25.78 -20.23
CA VAL E 16 24.50 -26.92 -20.00
C VAL E 16 24.20 -27.05 -18.52
N SER E 17 25.14 -26.68 -17.65
CA SER E 17 24.88 -26.66 -16.22
C SER E 17 23.76 -25.69 -15.85
N LYS E 18 23.39 -24.78 -16.74
CA LYS E 18 22.32 -23.81 -16.44
C LYS E 18 20.94 -24.27 -16.91
N ALA E 19 20.80 -25.53 -17.32
CA ALA E 19 19.64 -26.00 -18.06
C ALA E 19 18.32 -25.66 -17.38
N ASP E 20 18.30 -25.72 -16.05
CA ASP E 20 17.05 -25.55 -15.33
C ASP E 20 16.57 -24.11 -15.32
N SER E 21 17.38 -23.14 -15.74
CA SER E 21 16.90 -21.77 -15.97
C SER E 21 16.89 -21.38 -17.46
N VAL E 22 16.98 -22.35 -18.37
CA VAL E 22 17.02 -22.05 -19.81
C VAL E 22 15.61 -22.11 -20.37
N TYR E 23 15.20 -21.07 -21.11
CA TYR E 23 13.90 -20.99 -21.74
C TYR E 23 14.03 -20.63 -23.21
N LEU E 24 13.23 -21.27 -24.04
CA LEU E 24 12.95 -20.76 -25.36
C LEU E 24 12.16 -19.45 -25.23
N THR E 25 12.45 -18.50 -26.10
CA THR E 25 11.67 -17.28 -26.28
C THR E 25 11.35 -17.12 -27.76
N ILE E 26 10.16 -16.61 -28.07
CA ILE E 26 9.80 -16.31 -29.45
C ILE E 26 9.25 -14.90 -29.53
N GLY E 27 9.42 -14.28 -30.70
CA GLY E 27 8.97 -12.91 -30.89
C GLY E 27 8.81 -12.55 -32.34
N LYS E 28 8.73 -11.22 -32.59
CA LYS E 28 8.48 -10.62 -33.90
C LYS E 28 7.19 -11.19 -34.50
N SER E 29 6.07 -10.69 -34.01
CA SER E 29 4.75 -11.16 -34.38
C SER E 29 4.11 -10.30 -35.48
N THR E 30 4.80 -9.28 -35.98
CA THR E 30 4.42 -8.57 -37.18
C THR E 30 5.45 -8.80 -38.28
N PRO E 31 5.09 -8.55 -39.54
CA PRO E 31 6.01 -8.85 -40.65
C PRO E 31 7.36 -8.13 -40.60
N TRP E 32 8.36 -8.78 -41.19
CA TRP E 32 9.57 -8.09 -41.57
C TRP E 32 9.28 -7.16 -42.75
N SER E 33 10.22 -6.27 -43.06
CA SER E 33 10.06 -5.44 -44.25
C SER E 33 9.97 -6.31 -45.48
N ASN E 34 10.90 -7.26 -45.62
CA ASN E 34 10.87 -8.32 -46.63
C ASN E 34 10.71 -9.70 -45.95
N GLU E 35 9.48 -10.25 -46.02
CA GLU E 35 9.16 -11.48 -45.30
C GLU E 35 9.92 -12.69 -45.83
N THR E 36 10.51 -12.59 -47.02
CA THR E 36 11.33 -13.66 -47.58
C THR E 36 12.82 -13.44 -47.34
N ASN E 37 13.23 -12.25 -46.90
CA ASN E 37 14.63 -11.99 -46.54
C ASN E 37 14.69 -11.28 -45.18
N PRO E 38 14.61 -12.05 -44.09
CA PRO E 38 14.72 -11.48 -42.74
C PRO E 38 16.04 -10.78 -42.53
N PRO E 39 16.07 -9.68 -41.78
CA PRO E 39 17.35 -9.03 -41.51
C PRO E 39 18.30 -9.94 -40.76
N GLN E 40 19.59 -9.69 -40.92
CA GLN E 40 20.63 -10.43 -40.20
C GLN E 40 20.53 -10.13 -38.71
N PRO E 41 20.64 -11.15 -37.84
CA PRO E 41 20.48 -10.89 -36.40
C PRO E 41 21.59 -9.98 -35.88
N ASP E 42 21.23 -9.12 -34.94
CA ASP E 42 22.14 -8.18 -34.31
C ASP E 42 22.54 -8.73 -32.95
N GLU E 43 23.84 -9.00 -32.77
CA GLU E 43 24.35 -9.66 -31.57
C GLU E 43 24.14 -8.81 -30.31
N ASN E 44 24.00 -7.49 -30.47
CA ASN E 44 23.78 -6.58 -29.34
C ASN E 44 22.38 -6.64 -28.77
N ALA E 45 21.43 -7.27 -29.44
CA ALA E 45 20.10 -7.41 -28.88
C ALA E 45 20.15 -8.16 -27.56
N THR E 46 19.32 -7.73 -26.62
CA THR E 46 19.16 -8.37 -25.31
C THR E 46 17.75 -8.91 -25.10
N VAL E 47 16.85 -8.68 -26.03
CA VAL E 47 15.48 -9.18 -26.00
C VAL E 47 15.05 -9.29 -27.45
N LEU E 48 14.16 -10.24 -27.75
CA LEU E 48 13.57 -10.33 -29.07
C LEU E 48 12.58 -9.18 -29.29
N GLN E 49 12.41 -8.78 -30.56
CA GLN E 49 11.41 -7.76 -30.88
C GLN E 49 10.02 -8.33 -30.65
N GLU E 50 9.11 -7.50 -30.14
CA GLU E 50 7.71 -7.87 -29.94
C GLU E 50 7.62 -9.21 -29.22
N VAL E 51 8.35 -9.33 -28.10
CA VAL E 51 8.49 -10.64 -27.46
C VAL E 51 7.13 -11.17 -27.02
N ILE E 52 6.88 -12.43 -27.36
CA ILE E 52 5.62 -13.11 -27.08
C ILE E 52 5.66 -13.83 -25.73
N GLY E 53 6.75 -14.52 -25.44
CA GLY E 53 6.81 -15.26 -24.20
C GLY E 53 8.00 -16.20 -24.17
N TYR E 54 7.95 -17.06 -23.16
CA TYR E 54 9.05 -17.90 -22.74
C TYR E 54 8.47 -19.28 -22.45
N LYS E 55 9.28 -20.30 -22.71
CA LYS E 55 8.86 -21.66 -22.46
C LYS E 55 10.07 -22.47 -22.02
N LYS E 56 9.96 -23.13 -20.89
CA LYS E 56 11.14 -23.78 -20.33
C LYS E 56 11.67 -24.83 -21.30
N ALA E 57 12.99 -24.90 -21.44
CA ALA E 57 13.57 -25.84 -22.38
C ALA E 57 13.25 -27.27 -21.95
N THR E 58 12.94 -28.10 -22.93
CA THR E 58 12.69 -29.51 -22.69
C THR E 58 13.94 -30.35 -22.73
N LYS E 59 14.97 -29.87 -23.42
CA LYS E 59 16.24 -30.55 -23.63
C LYS E 59 17.36 -29.53 -23.72
N VAL E 60 18.42 -29.74 -22.92
CA VAL E 60 19.64 -28.95 -22.95
C VAL E 60 20.75 -29.98 -22.72
N THR E 61 21.56 -30.23 -23.73
CA THR E 61 22.61 -31.21 -23.57
C THR E 61 23.78 -30.91 -24.50
N LEU E 62 24.95 -31.36 -24.09
CA LEU E 62 26.07 -31.37 -25.00
C LEU E 62 25.85 -32.43 -26.08
N VAL E 63 26.34 -32.12 -27.27
CA VAL E 63 26.33 -33.09 -28.38
C VAL E 63 27.66 -33.03 -29.13
N ARG E 64 27.86 -34.00 -30.01
CA ARG E 64 28.93 -33.97 -31.00
C ARG E 64 28.42 -34.62 -32.28
N PRO E 65 29.09 -34.39 -33.41
CA PRO E 65 28.69 -35.10 -34.63
C PRO E 65 28.81 -36.61 -34.46
N SER E 66 27.85 -37.35 -35.01
CA SER E 66 27.90 -38.79 -34.89
C SER E 66 28.75 -39.43 -35.99
N LYS E 67 29.28 -40.63 -35.70
CA LYS E 67 30.01 -41.46 -36.65
C LYS E 67 29.18 -42.72 -36.84
N SER E 68 29.04 -43.19 -38.11
CA SER E 68 27.81 -43.89 -38.51
C SER E 68 27.70 -45.26 -37.89
N PRO E 69 28.49 -46.26 -38.29
CA PRO E 69 28.29 -47.58 -37.65
C PRO E 69 28.49 -47.45 -36.14
N GLU E 70 29.60 -46.85 -35.72
CA GLU E 70 30.01 -46.85 -34.31
C GLU E 70 28.91 -46.34 -33.38
N ASP E 71 28.29 -45.22 -33.73
CA ASP E 71 27.34 -44.56 -32.86
C ASP E 71 25.91 -44.99 -33.14
N ASP E 72 25.69 -46.00 -33.98
CA ASP E 72 24.32 -46.34 -34.35
C ASP E 72 23.50 -46.88 -33.18
N ASN E 73 24.13 -47.28 -32.10
CA ASN E 73 23.41 -47.80 -30.95
C ASN E 73 23.04 -46.71 -29.94
N LYS E 74 23.43 -45.46 -30.17
CA LYS E 74 22.95 -44.36 -29.35
C LYS E 74 21.67 -43.79 -29.93
N ASN E 75 21.01 -42.95 -29.14
CA ASN E 75 19.90 -42.15 -29.63
C ASN E 75 20.51 -41.00 -30.44
N LEU E 76 20.32 -41.03 -31.75
CA LEU E 76 20.86 -40.01 -32.63
C LEU E 76 19.87 -38.87 -32.75
N ILE E 77 20.40 -37.64 -32.77
CA ILE E 77 19.63 -36.44 -33.02
C ILE E 77 19.90 -36.01 -34.44
N SER E 78 18.84 -35.72 -35.20
CA SER E 78 18.99 -35.15 -36.53
C SER E 78 18.77 -33.66 -36.45
N TYR E 79 19.64 -32.91 -37.13
CA TYR E 79 19.60 -31.46 -37.11
C TYR E 79 20.52 -30.93 -38.19
N GLY E 80 20.01 -30.02 -39.01
CA GLY E 80 20.86 -29.39 -40.01
C GLY E 80 21.41 -30.38 -41.02
N ASN E 81 20.62 -31.40 -41.37
CA ASN E 81 20.99 -32.46 -42.32
C ASN E 81 22.15 -33.30 -41.83
N LYS E 82 22.60 -33.10 -40.59
CA LYS E 82 23.66 -33.90 -39.97
C LYS E 82 23.06 -34.75 -38.86
N SER E 83 23.88 -35.64 -38.32
CA SER E 83 23.49 -36.53 -37.24
C SER E 83 24.40 -36.21 -36.05
N TRP E 84 23.84 -36.29 -34.83
CA TRP E 84 24.54 -35.86 -33.61
C TRP E 84 24.24 -36.84 -32.49
N VAL E 85 25.17 -37.00 -31.54
CA VAL E 85 24.88 -37.81 -30.38
C VAL E 85 25.06 -36.98 -29.12
N GLU E 86 24.31 -37.34 -28.10
CA GLU E 86 24.39 -36.71 -26.80
C GLU E 86 25.64 -37.21 -26.09
N VAL E 87 26.21 -36.31 -25.26
CA VAL E 87 27.41 -36.55 -24.46
C VAL E 87 27.17 -36.06 -23.04
N THR E 88 27.57 -36.86 -22.06
CA THR E 88 27.47 -36.39 -20.69
C THR E 88 28.59 -35.40 -20.39
N PRO E 89 28.40 -34.54 -19.41
CA PRO E 89 29.50 -33.63 -19.07
C PRO E 89 30.75 -34.35 -18.62
N GLU E 90 30.63 -35.51 -17.97
CA GLU E 90 31.85 -36.25 -17.59
C GLU E 90 32.66 -36.65 -18.81
N ASN E 91 32.02 -36.89 -19.93
CA ASN E 91 32.68 -37.38 -21.12
C ASN E 91 32.98 -36.29 -22.14
N ALA E 92 32.65 -35.04 -21.84
CA ALA E 92 32.72 -33.97 -22.83
C ALA E 92 34.12 -33.78 -23.40
N LYS E 93 35.14 -33.74 -22.52
CA LYS E 93 36.50 -33.56 -23.00
C LYS E 93 36.95 -34.75 -23.83
N ALA E 94 36.77 -35.97 -23.29
CA ALA E 94 37.18 -37.17 -24.03
C ALA E 94 36.51 -37.25 -25.39
N GLU E 95 35.24 -36.86 -25.46
CA GLU E 95 34.48 -36.90 -26.72
C GLU E 95 34.56 -35.61 -27.54
N GLY E 96 35.15 -34.53 -27.03
CA GLY E 96 35.29 -33.32 -27.83
C GLY E 96 34.00 -32.55 -28.00
N ALA E 97 33.14 -32.57 -26.99
CA ALA E 97 31.76 -32.08 -27.09
C ALA E 97 31.67 -30.60 -26.74
N LYS E 98 31.88 -29.75 -27.72
CA LYS E 98 31.78 -28.30 -27.56
C LYS E 98 30.48 -27.72 -28.11
N TRP E 99 29.57 -28.58 -28.57
CA TRP E 99 28.27 -28.17 -29.09
C TRP E 99 27.16 -28.32 -28.05
N VAL E 100 26.25 -27.37 -28.05
CA VAL E 100 25.14 -27.37 -27.10
C VAL E 100 23.85 -27.49 -27.91
N TYR E 101 23.04 -28.47 -27.56
CA TYR E 101 21.74 -28.69 -28.16
C TYR E 101 20.65 -28.20 -27.21
N LEU E 102 19.76 -27.36 -27.72
CA LEU E 102 18.72 -26.66 -26.98
C LEU E 102 17.39 -26.87 -27.69
N GLU E 103 16.36 -27.25 -26.95
CA GLU E 103 15.05 -27.50 -27.54
C GLU E 103 13.93 -27.15 -26.56
N SER E 104 12.84 -26.64 -27.13
CA SER E 104 11.58 -26.59 -26.39
C SER E 104 10.42 -26.74 -27.37
N SER E 105 9.23 -26.99 -26.83
CA SER E 105 8.02 -27.05 -27.62
C SER E 105 6.96 -26.18 -26.97
N ILE E 106 6.23 -25.42 -27.79
CA ILE E 106 5.14 -24.60 -27.28
C ILE E 106 3.85 -25.23 -27.80
N VAL E 107 2.98 -25.64 -26.89
CA VAL E 107 1.79 -26.42 -27.23
C VAL E 107 0.60 -25.49 -27.23
N GLY E 108 0.01 -25.31 -28.41
CA GLY E 108 -1.19 -24.50 -28.58
C GLY E 108 -1.05 -23.13 -27.99
N ASP E 109 -2.03 -22.75 -27.16
CA ASP E 109 -2.11 -21.40 -26.62
C ASP E 109 -1.46 -21.28 -25.25
N GLU E 110 -0.44 -22.12 -24.96
CA GLU E 110 0.49 -21.86 -23.85
C GLU E 110 1.01 -20.42 -23.85
N LEU E 111 1.10 -19.82 -25.02
CA LEU E 111 1.53 -18.45 -25.22
C LEU E 111 0.56 -17.87 -26.24
N PRO E 112 0.32 -16.55 -26.21
CA PRO E 112 -0.61 -15.94 -27.15
C PRO E 112 -0.37 -16.36 -28.59
N LEU E 113 -1.45 -16.50 -29.34
CA LEU E 113 -1.41 -17.06 -30.68
C LEU E 113 -1.04 -15.98 -31.68
N GLY E 114 -0.54 -16.39 -32.83
CA GLY E 114 -0.12 -15.46 -33.84
C GLY E 114 1.06 -16.03 -34.60
N THR E 115 1.70 -15.18 -35.39
CA THR E 115 2.88 -15.60 -36.11
C THR E 115 4.13 -15.19 -35.30
N TYR E 116 5.26 -15.83 -35.61
CA TYR E 116 6.51 -15.48 -34.95
C TYR E 116 7.64 -15.65 -35.96
N ARG E 117 8.66 -14.80 -35.83
CA ARG E 117 9.79 -14.78 -36.73
C ARG E 117 11.12 -14.78 -36.01
N GLN E 118 11.12 -14.64 -34.69
CA GLN E 118 12.37 -14.67 -33.94
C GLN E 118 12.30 -15.80 -32.93
N VAL E 119 13.39 -16.54 -32.84
CA VAL E 119 13.53 -17.69 -31.96
C VAL E 119 14.83 -17.52 -31.17
N GLY E 120 14.76 -17.67 -29.85
CA GLY E 120 15.97 -17.54 -29.07
C GLY E 120 15.90 -18.41 -27.83
N PHE E 121 17.04 -18.51 -27.14
CA PHE E 121 17.10 -19.13 -25.83
C PHE E 121 17.78 -18.19 -24.84
N VAL E 122 17.23 -18.15 -23.64
CA VAL E 122 17.77 -17.37 -22.54
C VAL E 122 18.22 -18.31 -21.42
N MET E 123 19.13 -17.81 -20.61
CA MET E 123 19.44 -18.48 -19.35
C MET E 123 19.26 -17.53 -18.17
N ASP E 124 19.24 -18.10 -16.98
CA ASP E 124 19.02 -17.37 -15.71
C ASP E 124 17.66 -16.69 -15.65
N LEU E 125 16.65 -17.19 -16.36
CA LEU E 125 15.32 -16.62 -16.23
C LEU E 125 14.68 -17.09 -14.93
N VAL E 126 14.02 -16.16 -14.24
CA VAL E 126 13.39 -16.35 -12.94
C VAL E 126 11.96 -15.85 -13.09
N ALA E 127 10.97 -16.72 -12.85
CA ALA E 127 9.57 -16.28 -12.94
C ALA E 127 9.21 -15.60 -11.63
N LYS E 128 8.13 -14.83 -11.64
CA LYS E 128 7.71 -14.22 -10.38
C LYS E 128 7.44 -15.31 -9.35
N SER E 129 7.58 -14.93 -8.09
CA SER E 129 7.74 -15.92 -7.02
C SER E 129 6.54 -16.86 -6.88
N GLY E 130 5.34 -16.43 -7.25
CA GLY E 130 4.19 -17.31 -7.09
C GLY E 130 3.86 -18.18 -8.29
N ILE E 131 4.66 -18.12 -9.35
CA ILE E 131 4.40 -18.78 -10.63
C ILE E 131 5.39 -19.91 -10.80
N SER E 132 4.86 -21.11 -11.00
CA SER E 132 5.64 -22.31 -11.21
C SER E 132 5.50 -22.90 -12.61
N LYS E 133 4.54 -22.46 -13.42
CA LYS E 133 4.33 -23.04 -14.76
C LYS E 133 5.50 -22.70 -15.69
N PHE E 134 5.68 -23.53 -16.73
CA PHE E 134 6.80 -23.39 -17.67
C PHE E 134 6.55 -22.43 -18.84
N ASN E 135 5.31 -22.03 -19.09
CA ASN E 135 4.97 -21.10 -20.14
C ASN E 135 4.71 -19.73 -19.54
N LEU E 136 5.49 -18.73 -19.94
CA LEU E 136 5.41 -17.43 -19.27
C LEU E 136 5.30 -16.30 -20.29
N VAL E 137 4.36 -15.38 -20.07
CA VAL E 137 4.38 -14.15 -20.85
C VAL E 137 5.23 -13.11 -20.13
N PRO E 138 5.63 -12.01 -20.76
CA PRO E 138 6.64 -11.12 -20.14
C PRO E 138 6.23 -10.59 -18.75
N SER E 139 4.94 -10.36 -18.54
CA SER E 139 4.49 -9.88 -17.23
C SER E 139 4.57 -10.92 -16.12
N GLU E 140 4.75 -12.20 -16.43
CA GLU E 140 4.97 -13.21 -15.39
C GLU E 140 6.45 -13.46 -15.06
N VAL E 141 7.38 -12.73 -15.68
CA VAL E 141 8.80 -12.97 -15.47
C VAL E 141 9.36 -11.93 -14.50
N GLU E 142 10.07 -12.39 -13.48
CA GLU E 142 10.79 -11.51 -12.55
C GLU E 142 12.10 -11.00 -13.15
N SER E 143 12.87 -11.89 -13.77
CA SER E 143 14.12 -11.53 -14.44
C SER E 143 14.24 -12.33 -15.72
N THR E 144 14.43 -11.64 -16.87
CA THR E 144 14.57 -12.40 -18.10
C THR E 144 15.94 -13.01 -18.27
N GLY E 145 16.89 -12.73 -17.37
CA GLY E 145 18.16 -13.41 -17.41
C GLY E 145 19.01 -12.88 -18.55
N THR E 146 19.72 -13.74 -19.25
CA THR E 146 20.52 -13.32 -20.39
C THR E 146 20.10 -14.06 -21.65
N LEU E 147 19.74 -13.28 -22.67
CA LEU E 147 19.50 -13.84 -23.99
C LEU E 147 20.84 -14.33 -24.53
N LEU E 148 20.91 -15.61 -24.84
CA LEU E 148 22.15 -16.28 -25.18
C LEU E 148 22.34 -16.46 -26.69
N PHE E 149 21.34 -17.02 -27.37
CA PHE E 149 21.42 -17.29 -28.79
C PHE E 149 20.09 -16.95 -29.43
N PHE E 150 20.10 -16.43 -30.65
CA PHE E 150 18.83 -16.26 -31.34
C PHE E 150 19.03 -16.26 -32.85
N ASP E 151 17.90 -16.32 -33.54
CA ASP E 151 17.90 -16.33 -34.99
C ASP E 151 16.69 -15.56 -35.49
N ASN E 152 16.86 -14.93 -36.66
CA ASN E 152 15.74 -14.32 -37.39
C ASN E 152 15.35 -15.26 -38.52
N LYS E 153 14.09 -15.69 -38.51
CA LYS E 153 13.56 -16.68 -39.42
C LYS E 153 12.38 -16.10 -40.18
N GLN E 154 11.92 -16.84 -41.20
CA GLN E 154 10.65 -16.47 -41.83
C GLN E 154 9.50 -16.89 -40.92
N PHE E 155 8.37 -16.22 -41.06
CA PHE E 155 7.29 -16.42 -40.11
C PHE E 155 6.76 -17.87 -40.10
N GLN E 156 6.39 -18.31 -38.91
CA GLN E 156 5.60 -19.52 -38.66
C GLN E 156 4.33 -19.11 -37.93
N ASN E 157 3.23 -19.83 -38.18
CA ASN E 157 1.97 -19.57 -37.48
C ASN E 157 1.83 -20.48 -36.28
N ARG E 158 1.10 -20.00 -35.28
CA ARG E 158 0.72 -20.78 -34.11
C ARG E 158 -0.78 -20.62 -33.90
N SER E 159 -1.48 -21.73 -33.78
CA SER E 159 -2.91 -21.74 -33.55
C SER E 159 -3.25 -22.71 -32.43
N GLU E 160 -4.55 -22.78 -32.09
CA GLU E 160 -4.98 -23.49 -30.90
C GLU E 160 -4.54 -24.93 -30.90
N GLN E 161 -4.34 -25.51 -32.08
CA GLN E 161 -4.02 -26.93 -32.18
C GLN E 161 -2.59 -27.21 -32.63
N THR E 162 -1.76 -26.19 -32.90
CA THR E 162 -0.38 -26.43 -33.30
C THR E 162 0.52 -26.63 -32.10
N THR E 163 1.56 -27.44 -32.30
CA THR E 163 2.73 -27.44 -31.43
C THR E 163 3.90 -26.90 -32.23
N ALA E 164 4.58 -25.92 -31.66
CA ALA E 164 5.73 -25.27 -32.27
C ALA E 164 6.94 -25.84 -31.53
N LYS E 165 7.74 -26.61 -32.22
CA LYS E 165 8.98 -27.12 -31.68
C LYS E 165 10.14 -26.32 -32.25
N GLU E 166 11.03 -25.83 -31.39
CA GLU E 166 12.18 -25.07 -31.84
C GLU E 166 13.46 -25.60 -31.20
N ARG E 167 14.52 -25.66 -31.99
CA ARG E 167 15.79 -26.14 -31.47
C ARG E 167 16.98 -25.55 -32.20
N PHE E 168 18.09 -25.47 -31.46
CA PHE E 168 19.37 -24.99 -31.93
C PHE E 168 20.42 -26.03 -31.59
N ILE E 169 21.43 -26.13 -32.42
CA ILE E 169 22.75 -26.58 -32.00
C ILE E 169 23.72 -25.43 -32.23
N VAL E 170 24.51 -25.12 -31.20
CA VAL E 170 25.41 -23.98 -31.22
C VAL E 170 26.75 -24.39 -30.65
N GLU E 171 27.82 -23.72 -31.07
CA GLU E 171 29.10 -23.89 -30.39
C GLU E 171 29.61 -22.58 -29.84
N VAL E 172 30.41 -22.67 -28.78
CA VAL E 172 31.29 -21.57 -28.44
C VAL E 172 32.35 -21.46 -29.53
N ASP E 173 32.60 -20.22 -29.99
CA ASP E 173 33.55 -19.89 -31.04
C ASP E 173 33.18 -20.58 -32.35
N PRO E 174 32.21 -20.03 -33.11
CA PRO E 174 31.64 -20.57 -34.35
C PRO E 174 32.67 -21.04 -35.39
N ALA F 1 -14.17 -30.00 1.42
CA ALA F 1 -13.40 -29.31 0.37
C ALA F 1 -12.23 -28.53 0.98
N ILE F 2 -11.15 -28.36 0.24
CA ILE F 2 -10.04 -27.56 0.74
C ILE F 2 -10.08 -26.17 0.11
N ALA F 3 -9.44 -25.23 0.80
CA ALA F 3 -9.09 -23.92 0.24
C ALA F 3 -7.75 -23.97 -0.51
N THR F 4 -7.66 -23.18 -1.57
CA THR F 4 -6.43 -23.11 -2.32
C THR F 4 -5.45 -22.08 -1.73
N TYR F 5 -4.19 -22.21 -2.14
CA TYR F 5 -3.20 -21.20 -1.78
C TYR F 5 -3.67 -19.81 -2.19
N ASN F 6 -4.20 -19.70 -3.40
CA ASN F 6 -4.55 -18.37 -3.88
C ASN F 6 -5.81 -17.80 -3.26
N SER F 7 -6.69 -18.63 -2.68
CA SER F 7 -7.74 -18.04 -1.84
C SER F 7 -7.12 -17.31 -0.64
N HIS F 8 -6.05 -17.84 -0.09
CA HIS F 8 -5.39 -17.17 1.02
C HIS F 8 -4.75 -15.85 0.58
N VAL F 9 -4.26 -15.81 -0.66
CA VAL F 9 -3.77 -14.56 -1.23
C VAL F 9 -4.90 -13.54 -1.33
N GLU F 10 -6.06 -13.95 -1.85
CA GLU F 10 -7.15 -12.98 -2.07
C GLU F 10 -7.69 -12.45 -0.76
N LEU F 11 -7.70 -13.27 0.27
CA LEU F 11 -8.17 -12.80 1.57
C LEU F 11 -7.17 -11.81 2.19
N ALA F 12 -5.88 -12.12 2.09
CA ALA F 12 -4.85 -11.20 2.52
C ALA F 12 -4.96 -9.87 1.77
N LYS F 13 -5.17 -9.95 0.46
CA LYS F 13 -5.35 -8.72 -0.33
C LYS F 13 -6.56 -7.93 0.16
N TYR F 14 -7.63 -8.63 0.54
CA TYR F 14 -8.79 -7.92 1.09
C TYR F 14 -8.42 -7.17 2.35
N LEU F 15 -7.71 -7.83 3.29
CA LEU F 15 -7.30 -7.15 4.52
C LEU F 15 -6.45 -5.92 4.24
N VAL F 16 -5.53 -6.02 3.28
CA VAL F 16 -4.67 -4.88 2.98
C VAL F 16 -5.49 -3.72 2.41
N SER F 17 -6.57 -4.02 1.69
CA SER F 17 -7.43 -3.00 1.10
C SER F 17 -8.20 -2.23 2.14
N LYS F 18 -8.24 -2.70 3.39
CA LYS F 18 -8.82 -1.97 4.51
C LYS F 18 -7.83 -1.04 5.22
N ALA F 19 -6.62 -0.91 4.69
CA ALA F 19 -5.52 -0.30 5.43
C ALA F 19 -5.90 1.05 6.01
N ASP F 20 -6.71 1.84 5.30
CA ASP F 20 -6.99 3.18 5.81
C ASP F 20 -7.83 3.18 7.11
N SER F 21 -8.45 2.06 7.47
CA SER F 21 -9.16 1.96 8.74
C SER F 21 -8.50 1.00 9.74
N VAL F 22 -7.24 0.61 9.51
CA VAL F 22 -6.52 -0.30 10.41
C VAL F 22 -5.76 0.49 11.46
N TYR F 23 -5.98 0.12 12.73
CA TYR F 23 -5.32 0.73 13.88
C TYR F 23 -4.69 -0.35 14.74
N LEU F 24 -3.49 -0.06 15.24
CA LEU F 24 -2.90 -0.79 16.35
C LEU F 24 -3.71 -0.51 17.60
N THR F 25 -3.85 -1.52 18.47
CA THR F 25 -4.42 -1.33 19.80
C THR F 25 -3.51 -2.00 20.81
N ILE F 26 -3.37 -1.39 21.99
CA ILE F 26 -2.61 -2.01 23.07
C ILE F 26 -3.43 -1.99 24.35
N GLY F 27 -3.14 -2.94 25.23
CA GLY F 27 -3.79 -3.03 26.53
C GLY F 27 -3.07 -3.98 27.50
N LYS F 28 -3.83 -4.44 28.50
CA LYS F 28 -3.33 -5.23 29.62
C LYS F 28 -2.16 -4.52 30.32
N SER F 29 -2.56 -3.47 31.04
CA SER F 29 -1.69 -2.61 31.80
C SER F 29 -1.38 -3.09 33.22
N THR F 30 -2.03 -4.13 33.72
CA THR F 30 -1.64 -4.78 34.97
C THR F 30 -0.98 -6.10 34.68
N PRO F 31 -0.30 -6.69 35.67
CA PRO F 31 0.39 -7.96 35.42
C PRO F 31 -0.54 -9.14 35.09
N TRP F 32 0.03 -10.08 34.33
CA TRP F 32 -0.51 -11.43 34.22
C TRP F 32 -0.35 -12.18 35.55
N SER F 33 -0.97 -13.35 35.63
CA SER F 33 -0.72 -14.29 36.73
C SER F 33 0.77 -14.58 36.88
N ASN F 34 1.40 -15.09 35.81
CA ASN F 34 2.83 -15.29 35.74
C ASN F 34 3.36 -14.48 34.57
N GLU F 35 4.13 -13.43 34.88
CA GLU F 35 4.56 -12.44 33.92
C GLU F 35 5.51 -13.00 32.87
N THR F 36 6.08 -14.20 33.08
CA THR F 36 6.95 -14.82 32.09
C THR F 36 6.26 -15.98 31.37
N ASN F 37 4.97 -16.20 31.62
CA ASN F 37 4.19 -17.23 30.95
C ASN F 37 2.78 -16.69 30.76
N PRO F 38 2.59 -15.77 29.82
CA PRO F 38 1.25 -15.19 29.63
C PRO F 38 0.28 -16.20 29.06
N PRO F 39 -1.03 -16.03 29.31
CA PRO F 39 -2.00 -17.01 28.82
C PRO F 39 -2.14 -17.05 27.30
N GLN F 40 -2.63 -18.18 26.81
CA GLN F 40 -2.84 -18.30 25.38
C GLN F 40 -3.97 -17.36 24.97
N PRO F 41 -3.84 -16.67 23.84
CA PRO F 41 -4.90 -15.75 23.46
C PRO F 41 -6.17 -16.50 23.11
N ASP F 42 -7.28 -15.90 23.50
CA ASP F 42 -8.62 -16.40 23.24
C ASP F 42 -9.21 -15.77 21.99
N GLU F 43 -9.40 -16.58 20.93
CA GLU F 43 -9.93 -16.08 19.67
C GLU F 43 -11.29 -15.41 19.80
N ASN F 44 -12.00 -15.58 20.93
CA ASN F 44 -13.33 -15.01 21.05
C ASN F 44 -13.28 -13.58 21.54
N ALA F 45 -12.11 -13.09 21.95
CA ALA F 45 -12.02 -11.68 22.31
C ALA F 45 -12.39 -10.79 21.12
N THR F 46 -13.08 -9.70 21.47
CA THR F 46 -13.43 -8.61 20.57
C THR F 46 -12.80 -7.29 21.02
N VAL F 47 -12.02 -7.28 22.10
CA VAL F 47 -11.36 -6.09 22.59
C VAL F 47 -10.26 -6.58 23.52
N LEU F 48 -9.21 -5.79 23.66
CA LEU F 48 -8.14 -6.14 24.58
C LEU F 48 -8.57 -5.82 26.00
N GLN F 49 -8.11 -6.64 26.94
CA GLN F 49 -8.30 -6.33 28.36
C GLN F 49 -7.63 -5.01 28.68
N GLU F 50 -8.33 -4.16 29.44
CA GLU F 50 -7.76 -2.92 29.94
C GLU F 50 -7.22 -2.08 28.78
N VAL F 51 -8.03 -1.96 27.73
CA VAL F 51 -7.54 -1.30 26.53
C VAL F 51 -7.05 0.10 26.87
N ILE F 52 -5.88 0.44 26.32
CA ILE F 52 -5.23 1.73 26.50
C ILE F 52 -5.62 2.70 25.39
N GLY F 53 -5.54 2.25 24.14
CA GLY F 53 -6.00 3.06 23.04
C GLY F 53 -5.60 2.46 21.70
N TYR F 54 -5.61 3.33 20.68
CA TYR F 54 -5.50 2.96 19.29
C TYR F 54 -4.54 3.93 18.60
N LYS F 55 -3.73 3.40 17.69
CA LYS F 55 -2.87 4.25 16.86
C LYS F 55 -2.99 3.79 15.41
N LYS F 56 -3.26 4.72 14.51
CA LYS F 56 -3.43 4.33 13.13
C LYS F 56 -2.16 3.66 12.63
N ALA F 57 -2.34 2.56 11.90
CA ALA F 57 -1.23 1.80 11.35
C ALA F 57 -0.38 2.65 10.41
N THR F 58 0.94 2.52 10.54
CA THR F 58 1.84 3.25 9.66
C THR F 58 2.10 2.49 8.38
N LYS F 59 2.02 1.16 8.43
CA LYS F 59 2.20 0.35 7.23
C LYS F 59 1.24 -0.81 7.29
N VAL F 60 0.61 -1.12 6.15
CA VAL F 60 -0.22 -2.30 5.98
C VAL F 60 0.09 -2.77 4.55
N THR F 61 0.71 -3.94 4.44
CA THR F 61 1.10 -4.38 3.11
C THR F 61 1.18 -5.89 3.06
N LEU F 62 0.93 -6.41 1.86
CA LEU F 62 1.32 -7.80 1.60
C LEU F 62 2.84 -7.94 1.65
N VAL F 63 3.30 -9.13 2.04
CA VAL F 63 4.70 -9.49 1.98
C VAL F 63 4.83 -10.96 1.59
N ARG F 64 6.05 -11.33 1.21
CA ARG F 64 6.47 -12.72 1.09
C ARG F 64 7.92 -12.87 1.55
N PRO F 65 8.35 -14.10 1.88
CA PRO F 65 9.76 -14.27 2.28
C PRO F 65 10.68 -13.82 1.15
N SER F 66 11.76 -13.14 1.49
CA SER F 66 12.64 -12.60 0.48
C SER F 66 13.73 -13.60 0.12
N LYS F 67 14.32 -13.43 -1.06
CA LYS F 67 15.37 -14.33 -1.53
C LYS F 67 16.60 -13.56 -2.03
N SER F 68 17.71 -14.32 -2.16
CA SER F 68 19.03 -13.77 -2.45
C SER F 68 19.07 -13.07 -3.81
N PRO F 69 19.86 -11.98 -3.92
CA PRO F 69 19.84 -11.14 -5.12
C PRO F 69 18.52 -10.69 -5.71
N GLU F 70 17.62 -11.58 -6.16
CA GLU F 70 16.44 -11.09 -6.86
C GLU F 70 15.73 -10.00 -6.07
N ASP F 71 15.73 -10.10 -4.73
CA ASP F 71 15.01 -9.13 -3.88
C ASP F 71 15.93 -8.10 -3.21
N ASP F 72 17.23 -8.11 -3.50
CA ASP F 72 18.16 -7.23 -2.78
C ASP F 72 17.81 -5.75 -2.90
N ASN F 73 17.17 -5.35 -4.00
CA ASN F 73 16.88 -3.94 -4.28
C ASN F 73 15.40 -3.61 -4.16
N LYS F 74 14.67 -4.34 -3.33
CA LYS F 74 13.24 -4.12 -3.08
C LYS F 74 13.03 -3.59 -1.67
N ASN F 75 11.75 -3.39 -1.31
CA ASN F 75 11.41 -2.89 0.03
C ASN F 75 11.45 -4.06 0.99
N LEU F 76 12.53 -4.18 1.77
CA LEU F 76 12.74 -5.33 2.63
C LEU F 76 12.34 -5.01 4.07
N ILE F 77 11.93 -6.05 4.77
CA ILE F 77 11.52 -5.98 6.16
C ILE F 77 12.24 -7.11 6.87
N SER F 78 12.75 -6.85 8.07
CA SER F 78 13.32 -7.90 8.90
C SER F 78 12.36 -8.17 10.05
N TYR F 79 12.05 -9.44 10.28
CA TYR F 79 11.02 -9.81 11.26
C TYR F 79 11.16 -11.30 11.53
N GLY F 80 11.26 -11.66 12.81
CA GLY F 80 11.47 -13.05 13.17
C GLY F 80 12.81 -13.58 12.72
N ASN F 81 13.84 -12.73 12.68
CA ASN F 81 15.19 -13.13 12.25
C ASN F 81 15.18 -13.71 10.83
N LYS F 82 14.25 -13.23 10.01
CA LYS F 82 14.13 -13.59 8.61
C LYS F 82 13.83 -12.31 7.84
N SER F 83 14.00 -12.34 6.52
CA SER F 83 13.79 -11.17 5.68
C SER F 83 12.55 -11.38 4.80
N TRP F 84 11.78 -10.30 4.64
CA TRP F 84 10.52 -10.31 3.90
C TRP F 84 10.54 -9.16 2.90
N VAL F 85 9.80 -9.31 1.81
CA VAL F 85 9.76 -8.24 0.81
C VAL F 85 8.32 -7.79 0.63
N GLU F 86 8.13 -6.47 0.54
CA GLU F 86 6.77 -5.94 0.32
C GLU F 86 6.31 -6.25 -1.11
N VAL F 87 4.99 -6.47 -1.25
CA VAL F 87 4.34 -6.80 -2.51
C VAL F 87 3.13 -5.88 -2.68
N THR F 88 2.96 -5.28 -3.89
CA THR F 88 1.77 -4.47 -4.13
C THR F 88 0.52 -5.34 -4.38
N PRO F 89 -0.67 -4.81 -4.11
CA PRO F 89 -1.87 -5.65 -4.30
C PRO F 89 -2.04 -6.17 -5.72
N GLU F 90 -1.56 -5.42 -6.72
CA GLU F 90 -1.75 -5.82 -8.12
C GLU F 90 -0.92 -7.05 -8.47
N ASN F 91 0.12 -7.33 -7.69
CA ASN F 91 1.05 -8.42 -7.94
C ASN F 91 0.87 -9.57 -6.95
N ALA F 92 -0.17 -9.53 -6.10
CA ALA F 92 -0.32 -10.49 -5.00
C ALA F 92 -0.18 -11.93 -5.48
N LYS F 93 -1.05 -12.35 -6.41
CA LYS F 93 -1.07 -13.74 -6.86
C LYS F 93 0.21 -14.10 -7.59
N ALA F 94 0.68 -13.22 -8.46
CA ALA F 94 1.96 -13.44 -9.15
C ALA F 94 3.10 -13.67 -8.18
N GLU F 95 3.08 -13.02 -7.01
CA GLU F 95 4.16 -13.17 -6.04
C GLU F 95 3.88 -14.22 -4.98
N GLY F 96 2.69 -14.80 -4.93
CA GLY F 96 2.39 -15.74 -3.87
C GLY F 96 2.21 -15.11 -2.51
N ALA F 97 1.86 -13.83 -2.48
CA ALA F 97 1.95 -13.08 -1.23
C ALA F 97 0.67 -13.26 -0.42
N LYS F 98 0.66 -14.25 0.44
CA LYS F 98 -0.48 -14.48 1.32
C LYS F 98 -0.24 -14.05 2.77
N TRP F 99 0.85 -13.31 3.06
CA TRP F 99 1.14 -12.79 4.38
C TRP F 99 0.86 -11.29 4.40
N VAL F 100 0.33 -10.80 5.52
CA VAL F 100 0.08 -9.37 5.74
C VAL F 100 1.02 -8.85 6.83
N TYR F 101 1.69 -7.75 6.54
CA TYR F 101 2.52 -7.04 7.48
C TYR F 101 1.77 -5.82 7.98
N LEU F 102 1.69 -5.69 9.29
CA LEU F 102 0.98 -4.64 9.99
C LEU F 102 1.93 -3.99 10.99
N GLU F 103 2.01 -2.66 10.95
CA GLU F 103 2.99 -1.99 11.79
C GLU F 103 2.40 -0.69 12.26
N SER F 104 2.65 -0.35 13.53
CA SER F 104 2.37 1.00 14.02
C SER F 104 3.40 1.34 15.09
N SER F 105 3.59 2.64 15.32
CA SER F 105 4.43 3.09 16.41
C SER F 105 3.67 4.06 17.32
N ILE F 106 3.86 3.90 18.62
CA ILE F 106 3.29 4.82 19.61
C ILE F 106 4.45 5.65 20.16
N VAL F 107 4.40 6.95 19.92
CA VAL F 107 5.51 7.85 20.24
C VAL F 107 5.20 8.56 21.56
N GLY F 108 5.94 8.21 22.61
CA GLY F 108 5.80 8.88 23.89
C GLY F 108 4.40 8.82 24.45
N ASP F 109 3.94 9.95 25.02
CA ASP F 109 2.65 10.02 25.70
C ASP F 109 1.46 10.29 24.76
N GLU F 110 1.57 9.98 23.47
CA GLU F 110 0.41 10.14 22.59
C GLU F 110 -0.71 9.16 22.94
N LEU F 111 -0.46 8.21 23.84
CA LEU F 111 -1.41 7.40 24.57
C LEU F 111 -0.87 7.29 25.99
N PRO F 112 -1.73 6.98 26.97
CA PRO F 112 -1.32 7.03 28.39
C PRO F 112 -0.18 6.09 28.76
N LEU F 113 0.74 6.58 29.59
CA LEU F 113 1.97 5.85 29.86
C LEU F 113 1.71 4.68 30.82
N GLY F 114 2.63 3.72 30.82
CA GLY F 114 2.46 2.54 31.61
C GLY F 114 3.01 1.34 30.88
N THR F 115 2.78 0.17 31.45
CA THR F 115 3.16 -1.09 30.83
C THR F 115 2.01 -1.64 29.99
N TYR F 116 2.36 -2.48 29.01
CA TYR F 116 1.35 -3.17 28.22
C TYR F 116 1.82 -4.57 27.88
N ARG F 117 0.82 -5.46 27.77
CA ARG F 117 1.01 -6.89 27.58
C ARG F 117 0.19 -7.46 26.45
N GLN F 118 -0.78 -6.72 25.92
CA GLN F 118 -1.57 -7.16 24.80
C GLN F 118 -1.38 -6.19 23.64
N VAL F 119 -1.20 -6.74 22.46
CA VAL F 119 -1.06 -5.96 21.24
C VAL F 119 -2.00 -6.54 20.20
N GLY F 120 -2.69 -5.66 19.46
CA GLY F 120 -3.50 -6.15 18.37
C GLY F 120 -3.70 -5.15 17.25
N PHE F 121 -4.34 -5.61 16.18
CA PHE F 121 -4.78 -4.71 15.13
C PHE F 121 -6.27 -4.89 14.85
N VAL F 122 -6.93 -3.76 14.62
CA VAL F 122 -8.34 -3.70 14.25
C VAL F 122 -8.49 -3.13 12.85
N MET F 123 -9.66 -3.37 12.28
CA MET F 123 -10.09 -2.76 11.01
C MET F 123 -11.44 -2.11 11.21
N ASP F 124 -11.81 -1.26 10.27
CA ASP F 124 -13.08 -0.51 10.28
C ASP F 124 -13.26 0.35 11.53
N LEU F 125 -12.18 0.78 12.17
CA LEU F 125 -12.33 1.73 13.29
C LEU F 125 -12.72 3.11 12.76
N VAL F 126 -13.68 3.73 13.41
CA VAL F 126 -14.16 5.07 13.09
C VAL F 126 -14.03 5.94 14.34
N ALA F 127 -13.29 7.03 14.21
CA ALA F 127 -13.23 8.01 15.29
C ALA F 127 -14.49 8.87 15.27
N LYS F 128 -14.78 9.49 16.41
CA LYS F 128 -15.84 10.50 16.45
C LYS F 128 -15.63 11.49 15.29
N SER F 129 -16.75 12.00 14.75
CA SER F 129 -16.72 12.71 13.47
C SER F 129 -15.86 13.98 13.50
N GLY F 130 -15.62 14.56 14.66
CA GLY F 130 -14.83 15.76 14.73
C GLY F 130 -13.36 15.55 15.01
N ILE F 131 -12.93 14.29 15.13
CA ILE F 131 -11.59 13.92 15.57
C ILE F 131 -10.87 13.33 14.36
N SER F 132 -9.72 13.90 14.03
CA SER F 132 -8.92 13.49 12.89
C SER F 132 -7.56 12.92 13.26
N LYS F 133 -7.11 13.09 14.49
CA LYS F 133 -5.80 12.62 14.89
C LYS F 133 -5.74 11.10 14.88
N PHE F 134 -4.52 10.58 14.75
CA PHE F 134 -4.27 9.15 14.58
C PHE F 134 -4.10 8.39 15.90
N ASN F 135 -4.01 9.10 17.02
CA ASN F 135 -3.87 8.51 18.34
C ASN F 135 -5.16 8.72 19.12
N LEU F 136 -5.84 7.62 19.47
CA LEU F 136 -7.18 7.70 20.05
C LEU F 136 -7.27 6.90 21.34
N VAL F 137 -7.90 7.48 22.36
CA VAL F 137 -8.19 6.74 23.58
C VAL F 137 -9.62 6.26 23.46
N PRO F 138 -10.05 5.27 24.24
CA PRO F 138 -11.38 4.68 23.96
C PRO F 138 -12.51 5.69 23.78
N SER F 139 -12.55 6.77 24.57
CA SER F 139 -13.65 7.73 24.51
C SER F 139 -13.69 8.55 23.22
N GLU F 140 -12.64 8.55 22.40
CA GLU F 140 -12.66 9.28 21.13
C GLU F 140 -13.11 8.41 19.95
N VAL F 141 -13.47 7.15 20.17
CA VAL F 141 -13.80 6.23 19.09
C VAL F 141 -15.32 6.12 18.98
N GLU F 142 -15.84 6.35 17.77
CA GLU F 142 -17.26 6.11 17.50
C GLU F 142 -17.56 4.61 17.37
N SER F 143 -16.74 3.89 16.58
CA SER F 143 -16.84 2.45 16.42
C SER F 143 -15.46 1.84 16.39
N THR F 144 -15.24 0.84 17.23
CA THR F 144 -13.94 0.19 17.23
C THR F 144 -13.77 -0.78 16.06
N GLY F 145 -14.82 -1.04 15.28
CA GLY F 145 -14.69 -1.95 14.15
C GLY F 145 -14.53 -3.39 14.60
N THR F 146 -13.58 -4.09 14.00
CA THR F 146 -13.35 -5.50 14.32
C THR F 146 -11.90 -5.73 14.73
N LEU F 147 -11.70 -6.34 15.89
CA LEU F 147 -10.38 -6.81 16.28
C LEU F 147 -10.02 -8.02 15.42
N LEU F 148 -8.97 -7.89 14.61
CA LEU F 148 -8.61 -8.95 13.66
C LEU F 148 -7.62 -9.96 14.22
N PHE F 149 -6.52 -9.46 14.78
CA PHE F 149 -5.38 -10.25 15.24
C PHE F 149 -4.87 -9.70 16.55
N PHE F 150 -4.40 -10.56 17.44
CA PHE F 150 -3.74 -10.07 18.64
C PHE F 150 -2.88 -11.16 19.26
N ASP F 151 -2.09 -10.74 20.23
CA ASP F 151 -1.14 -11.58 20.93
C ASP F 151 -1.09 -11.16 22.38
N ASN F 152 -0.78 -12.13 23.24
CA ASN F 152 -0.51 -11.89 24.64
C ASN F 152 0.98 -12.09 24.89
N LYS F 153 1.64 -11.04 25.39
CA LYS F 153 3.08 -10.92 25.41
C LYS F 153 3.52 -10.59 26.83
N GLN F 154 4.82 -10.76 27.10
CA GLN F 154 5.35 -10.23 28.35
C GLN F 154 5.37 -8.70 28.25
N PHE F 155 5.27 -8.06 29.42
CA PHE F 155 5.11 -6.62 29.46
C PHE F 155 6.30 -5.88 28.86
N GLN F 156 5.99 -4.72 28.27
CA GLN F 156 6.95 -3.68 27.88
C GLN F 156 6.52 -2.40 28.58
N ASN F 157 7.47 -1.52 28.84
CA ASN F 157 7.22 -0.27 29.53
C ASN F 157 7.17 0.86 28.52
N ARG F 158 6.26 1.79 28.74
CA ARG F 158 6.14 2.99 27.93
C ARG F 158 6.27 4.19 28.85
N SER F 159 7.31 4.98 28.63
CA SER F 159 7.66 6.22 29.34
C SER F 159 7.66 7.39 28.36
N GLU F 160 7.91 8.60 28.90
CA GLU F 160 7.77 9.82 28.09
C GLU F 160 8.72 9.83 26.90
N GLN F 161 9.90 9.22 27.03
CA GLN F 161 10.93 9.21 25.99
C GLN F 161 10.81 8.05 25.00
N THR F 162 9.98 7.05 25.32
CA THR F 162 9.91 5.78 24.62
C THR F 162 9.13 5.92 23.31
N THR F 163 9.58 5.21 22.29
CA THR F 163 8.76 4.92 21.12
C THR F 163 8.58 3.41 21.05
N ALA F 164 7.32 2.96 21.02
CA ALA F 164 7.00 1.54 20.93
C ALA F 164 6.51 1.25 19.51
N LYS F 165 7.32 0.52 18.75
CA LYS F 165 6.94 0.04 17.43
C LYS F 165 6.47 -1.42 17.55
N GLU F 166 5.23 -1.67 17.15
CA GLU F 166 4.67 -3.03 17.14
C GLU F 166 4.41 -3.49 15.71
N ARG F 167 4.79 -4.72 15.41
CA ARG F 167 4.69 -5.28 14.07
C ARG F 167 4.14 -6.70 14.15
N PHE F 168 3.21 -7.03 13.23
CA PHE F 168 2.76 -8.39 12.97
C PHE F 168 3.01 -8.78 11.51
N ILE F 169 3.33 -10.05 11.29
CA ILE F 169 3.14 -10.73 9.99
C ILE F 169 2.18 -11.89 10.19
N VAL F 170 1.04 -11.85 9.51
CA VAL F 170 0.00 -12.87 9.66
C VAL F 170 -0.40 -13.45 8.31
N GLU F 171 -0.95 -14.65 8.33
CA GLU F 171 -1.67 -15.18 7.17
C GLU F 171 -3.01 -15.71 7.62
N VAL F 172 -3.89 -15.92 6.65
CA VAL F 172 -5.26 -16.29 7.00
C VAL F 172 -5.30 -17.69 7.57
N ASP F 173 -4.40 -18.57 7.15
CA ASP F 173 -4.43 -19.98 7.55
C ASP F 173 -3.01 -20.50 7.74
N PRO F 174 -2.43 -20.32 8.97
CA PRO F 174 -1.02 -20.69 9.25
C PRO F 174 -0.72 -22.19 9.40
N UNK G 1 4.44 -11.61 16.05
CA UNK G 1 4.43 -10.43 16.88
C UNK G 1 5.81 -10.09 17.44
N UNK G 2 6.36 -8.96 16.98
CA UNK G 2 7.65 -8.45 17.45
C UNK G 2 7.50 -6.95 17.84
N UNK G 3 8.20 -6.56 18.91
CA UNK G 3 8.26 -5.18 19.38
C UNK G 3 9.71 -4.66 19.31
N UNK G 4 9.87 -3.44 18.79
CA UNK G 4 11.14 -2.70 18.91
C UNK G 4 10.88 -1.49 19.83
N UNK G 5 11.68 -1.34 20.89
CA UNK G 5 11.59 -0.17 21.76
C UNK G 5 12.90 0.64 21.58
N UNK G 6 12.75 1.92 21.21
CA UNK G 6 13.90 2.83 21.05
C UNK G 6 13.68 4.10 21.91
N UNK G 7 14.79 4.78 22.26
CA UNK G 7 14.72 5.95 23.13
C UNK G 7 14.52 7.23 22.31
#